data_2HFS
#
_entry.id   2HFS
#
_cell.length_a   41.265
_cell.length_b   88.466
_cell.length_c   88.167
_cell.angle_alpha   90.00
_cell.angle_beta   103.62
_cell.angle_gamma   90.00
#
_symmetry.space_group_name_H-M   'P 1 21 1'
#
loop_
_entity.id
_entity.type
_entity.pdbx_description
1 polymer 'Mevalonate kinase, putative'
2 water water
#
_entity_poly.entity_id   1
_entity_poly.type   'polypeptide(L)'
_entity_poly.pdbx_seq_one_letter_code
;GSH(MSE)SKPVKSKTTGKNIGYGKVILFGEHFVVHGAEAIVAGISEYTECRLEINPGVPGLQVDDQRPAIPGYIAQKRD
EQIKAHQLVLDHLKVDLSGDGLK(MSE)FIGGPLVPSSGIGASASDVVAFSRALSELYQLNLTDEEVNLSAFVGEGGYHG
TPSGADNTAATYGGLILYRRQNGKSVFKPIAFQQRLYLVVVGTGINASTAKVVNDVHK(MSE)KQQQPVQFKRLYDNYTH
IVSQAREALQKGDLQRLGQL(MSE)NANHDLCRQIDVSCRELESIVQTCRTYGALGAKLSGTGRGGIAVALAASSDQRDA
IVKGLKAKCPEAKFIWRYTVQPSAASNL
;
_entity_poly.pdbx_strand_id   A,B
#
# COMPACT_ATOMS: atom_id res chain seq x y z
N MSE A 4 -35.41 -33.74 27.16
CA MSE A 4 -35.78 -32.58 26.28
C MSE A 4 -36.12 -31.35 27.11
O MSE A 4 -36.70 -31.48 28.19
CB MSE A 4 -36.96 -32.94 25.36
CG MSE A 4 -36.67 -34.01 24.32
SE MSE A 4 -35.24 -33.58 23.03
CE MSE A 4 -35.19 -35.27 22.03
N SER A 5 -35.75 -30.18 26.60
CA SER A 5 -36.11 -28.90 27.23
C SER A 5 -37.57 -28.60 26.91
N LYS A 6 -38.38 -28.38 27.94
CA LYS A 6 -39.76 -27.94 27.75
C LYS A 6 -39.82 -26.42 27.85
N PRO A 7 -40.68 -25.77 27.05
CA PRO A 7 -40.76 -24.30 27.06
C PRO A 7 -41.32 -23.77 28.37
N VAL A 8 -40.61 -22.81 28.93
CA VAL A 8 -40.99 -22.22 30.20
C VAL A 8 -41.80 -20.96 29.97
N LYS A 9 -41.33 -20.12 29.04
CA LYS A 9 -42.06 -18.93 28.60
C LYS A 9 -42.93 -19.24 27.35
N SER A 10 -43.98 -18.43 27.13
CA SER A 10 -44.83 -18.57 25.95
C SER A 10 -44.39 -17.64 24.81
N LYS A 11 -43.62 -16.61 25.15
CA LYS A 11 -43.16 -15.64 24.19
C LYS A 11 -41.93 -14.98 24.81
N THR A 12 -40.87 -14.74 24.01
CA THR A 12 -39.73 -13.93 24.50
C THR A 12 -40.07 -12.46 24.68
N THR A 13 -39.44 -11.83 25.66
CA THR A 13 -39.64 -10.42 26.00
C THR A 13 -38.32 -9.67 26.09
N GLY A 14 -37.22 -10.40 25.95
CA GLY A 14 -35.89 -9.80 26.03
C GLY A 14 -35.46 -9.30 24.68
N LYS A 15 -34.19 -8.89 24.57
CA LYS A 15 -33.61 -8.45 23.30
C LYS A 15 -32.48 -9.40 22.87
N ASN A 16 -32.87 -10.48 22.19
CA ASN A 16 -31.96 -11.55 21.82
C ASN A 16 -31.34 -11.30 20.47
N ILE A 17 -30.07 -10.91 20.49
CA ILE A 17 -29.43 -10.46 19.27
C ILE A 17 -28.10 -11.18 19.03
N GLY A 18 -27.62 -11.08 17.79
CA GLY A 18 -26.24 -11.49 17.41
C GLY A 18 -25.64 -10.38 16.58
N TYR A 19 -24.41 -9.96 16.93
CA TYR A 19 -23.76 -8.87 16.20
C TYR A 19 -23.23 -9.30 14.84
N GLY A 20 -23.19 -8.36 13.89
CA GLY A 20 -22.43 -8.55 12.64
C GLY A 20 -20.94 -8.53 12.88
N LYS A 21 -20.16 -8.78 11.82
CA LYS A 21 -18.71 -8.98 11.92
C LYS A 21 -17.98 -8.44 10.70
N VAL A 22 -16.86 -7.75 10.94
CA VAL A 22 -15.91 -7.46 9.86
C VAL A 22 -14.50 -7.86 10.30
N ILE A 23 -13.67 -8.30 9.36
CA ILE A 23 -12.28 -8.54 9.70
C ILE A 23 -11.48 -7.28 9.41
N LEU A 24 -10.91 -6.69 10.47
CA LEU A 24 -10.11 -5.49 10.32
C LEU A 24 -8.71 -5.81 9.83
N PHE A 25 -8.11 -6.83 10.42
CA PHE A 25 -6.79 -7.33 10.00
C PHE A 25 -6.69 -8.83 9.93
N GLY A 26 -6.05 -9.33 8.88
CA GLY A 26 -5.45 -10.64 8.91
C GLY A 26 -6.22 -11.81 8.33
N GLU A 27 -7.25 -11.53 7.53
CA GLU A 27 -7.85 -12.56 6.69
C GLU A 27 -6.76 -13.27 5.87
N HIS A 28 -6.93 -14.57 5.69
CA HIS A 28 -5.96 -15.41 4.96
C HIS A 28 -4.64 -15.72 5.67
N PHE A 29 -3.99 -14.70 6.23
CA PHE A 29 -2.72 -14.92 6.94
C PHE A 29 -2.92 -15.66 8.26
N VAL A 30 -4.09 -15.47 8.85
CA VAL A 30 -4.50 -16.18 10.06
C VAL A 30 -4.50 -17.72 9.88
N VAL A 31 -4.86 -18.17 8.69
CA VAL A 31 -4.82 -19.59 8.32
C VAL A 31 -3.41 -20.16 8.53
N HIS A 32 -2.40 -19.30 8.43
CA HIS A 32 -1.00 -19.71 8.51
C HIS A 32 -0.33 -19.31 9.82
N GLY A 33 -1.14 -18.92 10.79
CA GLY A 33 -0.70 -18.75 12.17
C GLY A 33 -0.57 -17.33 12.63
N ALA A 34 -0.95 -16.38 11.78
CA ALA A 34 -0.82 -14.96 12.11
C ALA A 34 -1.98 -14.54 12.99
N GLU A 35 -1.79 -13.49 13.77
CA GLU A 35 -2.89 -12.96 14.58
C GLU A 35 -3.83 -12.16 13.68
N ALA A 36 -5.12 -12.19 13.98
CA ALA A 36 -6.13 -11.43 13.24
C ALA A 36 -6.95 -10.55 14.20
N ILE A 37 -7.45 -9.44 13.69
CA ILE A 37 -8.31 -8.58 14.47
C ILE A 37 -9.66 -8.57 13.78
N VAL A 38 -10.65 -9.05 14.51
CA VAL A 38 -12.02 -9.11 14.05
C VAL A 38 -12.89 -8.17 14.89
N ALA A 39 -13.84 -7.54 14.23
CA ALA A 39 -14.65 -6.54 14.88
C ALA A 39 -16.09 -6.99 14.86
N GLY A 40 -16.66 -7.19 16.05
CA GLY A 40 -18.10 -7.43 16.18
C GLY A 40 -18.79 -6.09 16.27
N ILE A 41 -19.61 -5.79 15.27
CA ILE A 41 -20.18 -4.45 15.12
C ILE A 41 -21.47 -4.27 15.95
N SER A 42 -21.92 -3.03 16.12
CA SER A 42 -23.09 -2.77 16.98
C SER A 42 -24.35 -3.32 16.35
N GLU A 43 -24.36 -3.27 15.03
CA GLU A 43 -25.53 -3.61 14.20
C GLU A 43 -25.76 -5.10 14.29
N TYR A 44 -27.02 -5.52 14.39
CA TYR A 44 -27.31 -6.86 14.89
C TYR A 44 -28.50 -7.45 14.21
N THR A 45 -28.64 -8.76 14.38
CA THR A 45 -29.83 -9.46 13.96
C THR A 45 -30.53 -9.87 15.27
N GLU A 46 -31.84 -9.62 15.33
CA GLU A 46 -32.63 -10.02 16.51
C GLU A 46 -33.59 -11.19 16.20
N CYS A 47 -33.72 -12.12 17.15
CA CYS A 47 -34.67 -13.23 17.05
C CYS A 47 -35.69 -13.13 18.18
N ARG A 48 -36.97 -13.25 17.82
CA ARG A 48 -38.08 -13.32 18.76
C ARG A 48 -38.76 -14.65 18.52
N LEU A 49 -39.15 -15.29 19.63
CA LEU A 49 -39.81 -16.58 19.60
C LEU A 49 -41.10 -16.58 20.40
N GLU A 50 -42.07 -17.37 19.95
CA GLU A 50 -43.23 -17.70 20.76
C GLU A 50 -43.76 -19.08 20.42
N ILE A 51 -44.45 -19.68 21.38
CA ILE A 51 -45.01 -21.01 21.21
C ILE A 51 -46.08 -21.03 20.12
N ASN A 52 -46.19 -22.16 19.43
CA ASN A 52 -47.17 -22.31 18.36
C ASN A 52 -47.97 -23.57 18.70
N PRO A 53 -48.95 -23.47 19.59
CA PRO A 53 -49.63 -24.67 20.08
C PRO A 53 -50.32 -25.39 18.94
N GLY A 54 -50.19 -26.73 18.92
CA GLY A 54 -50.85 -27.55 17.91
C GLY A 54 -50.18 -27.60 16.54
N VAL A 55 -49.24 -26.69 16.28
CA VAL A 55 -48.59 -26.60 14.98
C VAL A 55 -47.13 -26.97 15.17
N PRO A 56 -46.72 -28.13 14.63
CA PRO A 56 -45.38 -28.66 14.82
C PRO A 56 -44.31 -27.85 14.09
N GLY A 57 -43.07 -27.99 14.55
CA GLY A 57 -41.92 -27.38 13.90
C GLY A 57 -41.72 -25.88 14.11
N LEU A 58 -40.81 -25.33 13.32
CA LEU A 58 -40.36 -23.95 13.45
C LEU A 58 -40.85 -23.14 12.25
N GLN A 59 -41.72 -22.18 12.51
CA GLN A 59 -42.22 -21.31 11.45
C GLN A 59 -41.36 -20.05 11.38
N VAL A 60 -40.71 -19.82 10.24
CA VAL A 60 -39.77 -18.69 10.14
C VAL A 60 -40.36 -17.52 9.40
N ASP A 61 -40.34 -16.38 10.06
CA ASP A 61 -40.79 -15.11 9.51
C ASP A 61 -39.58 -14.20 9.47
N ASP A 62 -38.85 -14.31 8.36
CA ASP A 62 -37.54 -13.69 8.19
C ASP A 62 -37.72 -12.32 7.56
N GLN A 63 -37.59 -11.29 8.40
CA GLN A 63 -37.75 -9.91 7.96
C GLN A 63 -36.50 -9.04 8.03
N ARG A 64 -35.35 -9.66 8.12
CA ARG A 64 -34.07 -8.95 7.99
C ARG A 64 -33.97 -8.14 6.69
N PRO A 65 -33.33 -6.96 6.75
CA PRO A 65 -33.12 -6.16 5.57
C PRO A 65 -31.97 -6.66 4.71
N ALA A 66 -32.06 -7.93 4.32
CA ALA A 66 -31.03 -8.55 3.52
C ALA A 66 -31.00 -7.99 2.09
N ILE A 67 -29.82 -8.00 1.47
CA ILE A 67 -29.72 -7.61 0.05
C ILE A 67 -30.61 -8.51 -0.80
N PRO A 68 -30.99 -8.07 -2.00
CA PRO A 68 -31.91 -8.85 -2.84
C PRO A 68 -31.43 -10.25 -3.15
N GLY A 69 -32.31 -11.22 -2.90
CA GLY A 69 -32.02 -12.64 -3.17
C GLY A 69 -31.29 -13.43 -2.09
N TYR A 70 -30.69 -12.71 -1.13
CA TYR A 70 -29.87 -13.34 -0.11
C TYR A 70 -30.68 -14.33 0.73
N ILE A 71 -31.84 -13.90 1.22
CA ILE A 71 -32.61 -14.78 2.11
C ILE A 71 -33.08 -16.04 1.37
N ALA A 72 -33.53 -15.88 0.12
CA ALA A 72 -33.98 -17.03 -0.68
C ALA A 72 -32.85 -18.02 -0.91
N GLN A 73 -31.68 -17.48 -1.22
N GLN A 73 -31.68 -17.49 -1.27
CA GLN A 73 -30.52 -18.30 -1.57
CA GLN A 73 -30.48 -18.30 -1.52
C GLN A 73 -29.87 -19.04 -0.37
C GLN A 73 -30.10 -19.17 -0.32
N LYS A 74 -30.12 -18.56 0.85
CA LYS A 74 -29.58 -19.16 2.08
C LYS A 74 -30.58 -20.01 2.88
N ARG A 75 -31.84 -20.01 2.46
CA ARG A 75 -32.91 -20.65 3.22
C ARG A 75 -32.65 -22.13 3.54
N ASP A 76 -32.18 -22.90 2.57
CA ASP A 76 -31.94 -24.33 2.79
C ASP A 76 -30.87 -24.52 3.87
N GLU A 77 -29.80 -23.74 3.81
CA GLU A 77 -28.73 -23.75 4.83
C GLU A 77 -29.25 -23.31 6.18
N GLN A 78 -30.07 -22.26 6.17
CA GLN A 78 -30.73 -21.81 7.39
C GLN A 78 -31.54 -22.90 8.08
N ILE A 79 -32.33 -23.63 7.29
CA ILE A 79 -33.13 -24.75 7.77
C ILE A 79 -32.23 -25.75 8.52
N LYS A 80 -31.12 -26.12 7.91
CA LYS A 80 -30.20 -27.06 8.55
C LYS A 80 -29.58 -26.45 9.81
N ALA A 81 -29.19 -25.18 9.71
CA ALA A 81 -28.57 -24.43 10.81
C ALA A 81 -29.47 -24.40 12.05
N HIS A 82 -30.72 -23.99 11.84
CA HIS A 82 -31.67 -23.90 12.94
C HIS A 82 -31.93 -25.25 13.60
N GLN A 83 -32.02 -26.30 12.78
CA GLN A 83 -32.28 -27.63 13.31
C GLN A 83 -31.09 -28.12 14.14
N LEU A 84 -29.88 -27.77 13.70
CA LEU A 84 -28.66 -28.10 14.45
C LEU A 84 -28.69 -27.51 15.85
N VAL A 85 -29.14 -26.25 15.94
CA VAL A 85 -29.24 -25.55 17.22
C VAL A 85 -30.35 -26.18 18.09
N LEU A 86 -31.51 -26.44 17.51
CA LEU A 86 -32.58 -27.08 18.27
C LEU A 86 -32.12 -28.42 18.84
N ASP A 87 -31.51 -29.25 18.01
CA ASP A 87 -30.99 -30.56 18.45
C ASP A 87 -29.93 -30.41 19.56
N HIS A 88 -29.03 -29.45 19.38
CA HIS A 88 -27.97 -29.17 20.35
C HIS A 88 -28.55 -28.76 21.69
N LEU A 89 -29.63 -27.99 21.65
CA LEU A 89 -30.26 -27.49 22.87
C LEU A 89 -31.35 -28.41 23.41
N LYS A 90 -31.50 -29.56 22.75
CA LYS A 90 -32.46 -30.58 23.14
C LYS A 90 -33.90 -30.03 23.12
N VAL A 91 -34.23 -29.29 22.07
CA VAL A 91 -35.54 -28.73 21.91
C VAL A 91 -36.28 -29.57 20.85
N ASP A 92 -37.51 -29.94 21.18
CA ASP A 92 -38.32 -30.88 20.40
C ASP A 92 -39.59 -30.16 19.98
N LEU A 93 -39.77 -30.00 18.68
CA LEU A 93 -40.89 -29.25 18.14
C LEU A 93 -41.94 -30.13 17.43
N SER A 94 -41.90 -31.43 17.72
CA SER A 94 -42.80 -32.38 17.05
C SER A 94 -44.28 -32.28 17.49
N GLY A 95 -44.53 -31.72 18.67
CA GLY A 95 -45.90 -31.44 19.11
C GLY A 95 -46.27 -29.99 18.86
N ASP A 96 -46.14 -29.15 19.88
CA ASP A 96 -46.26 -27.70 19.72
C ASP A 96 -44.95 -27.16 19.19
N GLY A 97 -45.04 -26.25 18.23
CA GLY A 97 -43.86 -25.70 17.58
C GLY A 97 -43.58 -24.30 18.07
N LEU A 98 -42.86 -23.55 17.24
CA LEU A 98 -42.49 -22.18 17.54
C LEU A 98 -42.70 -21.30 16.32
N LYS A 99 -43.14 -20.06 16.55
CA LYS A 99 -43.07 -19.05 15.54
C LYS A 99 -41.82 -18.23 15.81
N MSE A 100 -41.02 -18.03 14.77
CA MSE A 100 -39.74 -17.32 14.85
C MSE A 100 -39.87 -16.03 14.03
O MSE A 100 -40.21 -16.08 12.84
CB MSE A 100 -38.64 -18.23 14.29
CG MSE A 100 -37.23 -17.71 14.49
SE MSE A 100 -35.88 -18.97 13.76
CE MSE A 100 -34.38 -17.85 14.09
N PHE A 101 -39.61 -14.89 14.65
CA PHE A 101 -39.53 -13.64 13.90
C PHE A 101 -38.07 -13.21 13.83
N ILE A 102 -37.54 -12.93 12.64
CA ILE A 102 -36.13 -12.46 12.54
C ILE A 102 -36.05 -11.04 12.04
N GLY A 103 -35.34 -10.20 12.80
CA GLY A 103 -35.24 -8.77 12.51
C GLY A 103 -33.89 -8.15 12.81
N GLY A 104 -33.92 -6.93 13.36
CA GLY A 104 -32.66 -6.20 13.66
C GLY A 104 -32.12 -5.48 12.44
N PRO A 105 -31.28 -4.46 12.61
CA PRO A 105 -30.88 -3.59 11.49
C PRO A 105 -29.73 -4.11 10.64
N LEU A 106 -29.03 -5.15 11.08
CA LEU A 106 -27.96 -5.76 10.28
C LEU A 106 -28.45 -6.19 8.90
N VAL A 107 -27.68 -5.89 7.86
CA VAL A 107 -28.01 -6.28 6.48
C VAL A 107 -27.27 -7.56 6.08
N PRO A 108 -27.93 -8.72 6.07
CA PRO A 108 -27.27 -9.93 5.60
C PRO A 108 -26.80 -9.80 4.17
N SER A 109 -25.53 -10.14 3.99
CA SER A 109 -24.81 -10.06 2.73
C SER A 109 -23.53 -10.86 2.97
N SER A 110 -22.95 -11.44 1.93
CA SER A 110 -21.70 -12.16 2.08
C SER A 110 -20.60 -11.31 2.73
N GLY A 111 -19.95 -11.88 3.75
CA GLY A 111 -18.80 -11.23 4.41
C GLY A 111 -19.05 -10.60 5.78
N ILE A 112 -20.33 -10.35 6.07
CA ILE A 112 -20.72 -9.62 7.28
C ILE A 112 -21.03 -10.54 8.48
N GLY A 113 -20.81 -11.85 8.30
CA GLY A 113 -21.06 -12.86 9.36
C GLY A 113 -22.52 -13.02 9.76
N ALA A 114 -23.43 -12.79 8.81
CA ALA A 114 -24.86 -12.75 9.10
C ALA A 114 -25.43 -14.11 9.52
N SER A 115 -24.88 -15.18 8.96
CA SER A 115 -25.36 -16.51 9.33
C SER A 115 -25.06 -16.79 10.81
N ALA A 116 -23.86 -16.41 11.27
CA ALA A 116 -23.56 -16.49 12.70
C ALA A 116 -24.47 -15.61 13.55
N SER A 117 -24.73 -14.38 13.11
CA SER A 117 -25.64 -13.45 13.85
C SER A 117 -27.01 -14.08 14.01
N ASP A 118 -27.44 -14.76 12.96
CA ASP A 118 -28.69 -15.55 12.93
C ASP A 118 -28.68 -16.62 14.03
N VAL A 119 -27.72 -17.55 13.97
CA VAL A 119 -27.71 -18.64 14.96
C VAL A 119 -27.40 -18.14 16.37
N VAL A 120 -26.67 -17.03 16.50
CA VAL A 120 -26.43 -16.49 17.83
C VAL A 120 -27.75 -15.97 18.42
N ALA A 121 -28.44 -15.12 17.67
CA ALA A 121 -29.71 -14.54 18.14
C ALA A 121 -30.71 -15.65 18.50
N PHE A 122 -30.79 -16.67 17.65
CA PHE A 122 -31.64 -17.84 17.87
C PHE A 122 -31.32 -18.58 19.18
N SER A 123 -30.04 -18.90 19.39
CA SER A 123 -29.57 -19.56 20.60
C SER A 123 -29.96 -18.78 21.85
N ARG A 124 -29.78 -17.46 21.80
CA ARG A 124 -30.16 -16.58 22.89
C ARG A 124 -31.66 -16.60 23.16
N ALA A 125 -32.47 -16.50 22.09
CA ALA A 125 -33.94 -16.55 22.24
C ALA A 125 -34.43 -17.87 22.79
N LEU A 126 -33.84 -18.97 22.33
CA LEU A 126 -34.16 -20.30 22.86
C LEU A 126 -33.81 -20.35 24.34
N SER A 127 -32.62 -19.82 24.69
CA SER A 127 -32.23 -19.79 26.08
C SER A 127 -33.30 -19.06 26.88
N GLU A 128 -33.78 -17.93 26.37
CA GLU A 128 -34.85 -17.24 27.07
C GLU A 128 -36.09 -18.11 27.23
N LEU A 129 -36.59 -18.63 26.10
CA LEU A 129 -37.90 -19.24 26.09
C LEU A 129 -37.93 -20.53 26.88
N TYR A 130 -36.83 -21.27 26.81
CA TYR A 130 -36.67 -22.54 27.54
C TYR A 130 -35.99 -22.33 28.90
N GLN A 131 -35.70 -21.07 29.23
CA GLN A 131 -34.99 -20.67 30.46
C GLN A 131 -33.78 -21.55 30.73
N LEU A 132 -32.83 -21.53 29.79
CA LEU A 132 -31.68 -22.42 29.86
C LEU A 132 -30.52 -21.74 30.56
N ASN A 133 -30.63 -20.41 30.71
CA ASN A 133 -29.56 -19.59 31.31
C ASN A 133 -28.19 -19.90 30.70
N LEU A 134 -28.13 -19.96 29.37
CA LEU A 134 -26.86 -20.16 28.67
C LEU A 134 -25.88 -19.04 29.03
N THR A 135 -24.64 -19.44 29.26
CA THR A 135 -23.55 -18.50 29.41
C THR A 135 -23.15 -18.07 27.99
N ASP A 136 -22.29 -17.07 27.89
CA ASP A 136 -21.79 -16.62 26.59
C ASP A 136 -21.06 -17.74 25.88
N GLU A 137 -20.22 -18.45 26.64
CA GLU A 137 -19.54 -19.63 26.12
C GLU A 137 -20.52 -20.63 25.53
N GLU A 138 -21.59 -20.92 26.26
CA GLU A 138 -22.65 -21.85 25.83
C GLU A 138 -23.38 -21.39 24.57
N VAL A 139 -23.72 -20.09 24.53
CA VAL A 139 -24.32 -19.50 23.31
C VAL A 139 -23.38 -19.63 22.11
N ASN A 140 -22.11 -19.28 22.31
CA ASN A 140 -21.08 -19.34 21.27
C ASN A 140 -20.89 -20.75 20.67
N LEU A 141 -20.91 -21.77 21.53
CA LEU A 141 -20.89 -23.17 21.12
C LEU A 141 -22.13 -23.57 20.34
N SER A 142 -23.28 -23.10 20.80
CA SER A 142 -24.53 -23.40 20.13
C SER A 142 -24.48 -22.79 18.73
N ALA A 143 -24.01 -21.54 18.63
CA ALA A 143 -23.87 -20.86 17.35
C ALA A 143 -22.90 -21.65 16.48
N PHE A 144 -21.78 -22.06 17.07
CA PHE A 144 -20.77 -22.80 16.33
C PHE A 144 -21.35 -24.08 15.72
N VAL A 145 -22.18 -24.77 16.50
CA VAL A 145 -22.78 -26.02 16.03
C VAL A 145 -23.71 -25.68 14.87
N GLY A 146 -24.49 -24.61 15.03
CA GLY A 146 -25.50 -24.27 14.05
C GLY A 146 -24.89 -23.78 12.76
N GLU A 147 -23.79 -23.05 12.87
CA GLU A 147 -23.01 -22.57 11.73
C GLU A 147 -22.57 -23.74 10.85
N GLY A 148 -22.59 -24.93 11.41
CA GLY A 148 -22.35 -26.17 10.65
C GLY A 148 -23.38 -26.42 9.56
N GLY A 149 -24.54 -25.75 9.64
CA GLY A 149 -25.60 -25.90 8.65
C GLY A 149 -25.44 -25.02 7.41
N TYR A 150 -24.64 -23.97 7.53
CA TYR A 150 -24.27 -23.12 6.39
C TYR A 150 -22.97 -23.62 5.77
N HIS A 151 -22.75 -23.26 4.50
CA HIS A 151 -21.67 -23.82 3.66
C HIS A 151 -20.24 -23.70 4.24
N GLY A 152 -19.59 -24.86 4.38
CA GLY A 152 -18.37 -25.02 5.19
C GLY A 152 -17.18 -24.14 4.86
N THR A 153 -16.37 -23.77 5.85
CA THR A 153 -16.43 -24.31 7.22
C THR A 153 -16.17 -23.22 8.28
N PRO A 154 -16.83 -23.31 9.44
CA PRO A 154 -16.65 -22.33 10.51
C PRO A 154 -15.31 -22.45 11.25
N SER A 155 -14.53 -21.37 11.20
CA SER A 155 -13.29 -21.23 11.96
C SER A 155 -13.61 -20.90 13.41
N GLY A 156 -14.72 -20.21 13.61
CA GLY A 156 -15.13 -19.74 14.93
C GLY A 156 -15.24 -18.23 15.06
N ALA A 157 -14.57 -17.48 14.17
CA ALA A 157 -14.52 -16.02 14.31
C ALA A 157 -15.87 -15.35 14.13
N ASP A 158 -16.74 -15.93 13.31
CA ASP A 158 -18.03 -15.28 13.07
C ASP A 158 -18.95 -15.41 14.29
N ASN A 159 -19.10 -16.64 14.80
CA ASN A 159 -19.90 -16.85 16.00
C ASN A 159 -19.35 -16.14 17.22
N THR A 160 -18.02 -16.09 17.34
CA THR A 160 -17.43 -15.47 18.51
C THR A 160 -17.69 -13.95 18.48
N ALA A 161 -17.52 -13.31 17.33
CA ALA A 161 -17.84 -11.89 17.19
C ALA A 161 -19.33 -11.64 17.43
N ALA A 162 -20.18 -12.48 16.83
CA ALA A 162 -21.62 -12.34 16.99
C ALA A 162 -22.08 -12.50 18.46
N THR A 163 -21.44 -13.39 19.21
N THR A 163 -21.43 -13.39 19.18
CA THR A 163 -21.82 -13.61 20.61
CA THR A 163 -21.75 -13.66 20.58
C THR A 163 -21.31 -12.51 21.54
C THR A 163 -21.31 -12.53 21.51
N TYR A 164 -20.06 -12.11 21.36
CA TYR A 164 -19.40 -11.19 22.30
C TYR A 164 -19.36 -9.73 21.86
N GLY A 165 -19.37 -9.47 20.54
CA GLY A 165 -19.16 -8.11 20.01
C GLY A 165 -17.76 -7.55 20.31
N GLY A 166 -17.54 -6.30 19.91
CA GLY A 166 -16.29 -5.59 20.22
C GLY A 166 -15.13 -6.03 19.34
N LEU A 167 -13.91 -5.65 19.71
CA LEU A 167 -12.72 -6.09 18.99
C LEU A 167 -12.22 -7.37 19.62
N ILE A 168 -11.71 -8.25 18.76
CA ILE A 168 -11.36 -9.61 19.15
C ILE A 168 -10.08 -10.04 18.44
N LEU A 169 -9.12 -10.49 19.23
CA LEU A 169 -7.89 -11.06 18.72
C LEU A 169 -8.12 -12.54 18.42
N TYR A 170 -7.84 -12.92 17.17
CA TYR A 170 -8.16 -14.23 16.64
C TYR A 170 -6.92 -14.88 16.07
N ARG A 171 -6.56 -16.04 16.60
CA ARG A 171 -5.40 -16.77 16.09
C ARG A 171 -5.55 -18.28 16.24
N ARG A 172 -4.94 -19.01 15.31
CA ARG A 172 -4.81 -20.46 15.42
C ARG A 172 -3.66 -20.83 16.38
N GLN A 173 -4.04 -21.08 17.63
CA GLN A 173 -3.13 -21.33 18.77
C GLN A 173 -3.80 -22.35 19.71
N ASN A 174 -3.10 -23.40 20.14
CA ASN A 174 -1.80 -23.79 19.62
C ASN A 174 -2.02 -24.51 18.30
N GLY A 175 -3.18 -25.16 18.21
CA GLY A 175 -3.61 -25.88 17.02
C GLY A 175 -5.11 -25.80 16.83
N LYS A 176 -5.73 -24.80 17.44
CA LYS A 176 -7.13 -24.46 17.21
C LYS A 176 -7.31 -22.94 17.24
N SER A 177 -8.52 -22.49 16.90
CA SER A 177 -8.86 -21.07 17.01
C SER A 177 -8.88 -20.63 18.47
N VAL A 178 -8.16 -19.55 18.75
CA VAL A 178 -8.10 -18.95 20.09
C VAL A 178 -8.52 -17.49 19.98
N PHE A 179 -9.42 -17.08 20.88
CA PHE A 179 -9.99 -15.73 20.89
C PHE A 179 -9.85 -15.03 22.24
N LYS A 180 -9.46 -13.75 22.20
CA LYS A 180 -9.51 -12.90 23.38
C LYS A 180 -9.94 -11.49 23.03
N PRO A 181 -10.61 -10.79 23.95
CA PRO A 181 -11.09 -9.45 23.69
C PRO A 181 -9.95 -8.44 23.67
N ILE A 182 -10.17 -7.35 22.92
CA ILE A 182 -9.20 -6.29 22.81
C ILE A 182 -9.83 -5.04 23.41
N ALA A 183 -9.24 -4.55 24.49
CA ALA A 183 -9.66 -3.29 25.11
C ALA A 183 -9.39 -2.09 24.19
N PHE A 184 -10.40 -1.23 24.03
CA PHE A 184 -10.30 -0.04 23.17
C PHE A 184 -11.25 1.05 23.65
N GLN A 185 -10.78 2.30 23.66
CA GLN A 185 -11.52 3.40 24.32
C GLN A 185 -12.14 4.43 23.37
N GLN A 186 -12.17 4.10 22.07
CA GLN A 186 -12.68 4.99 21.03
C GLN A 186 -13.69 4.28 20.13
N ARG A 187 -14.72 5.02 19.67
CA ARG A 187 -15.65 4.50 18.65
C ARG A 187 -14.93 4.37 17.30
N LEU A 188 -15.20 3.30 16.57
CA LEU A 188 -14.78 3.13 15.19
C LEU A 188 -15.99 3.42 14.28
N TYR A 189 -15.85 4.43 13.44
CA TYR A 189 -16.83 4.80 12.45
C TYR A 189 -16.47 4.10 11.13
N LEU A 190 -17.24 3.06 10.78
CA LEU A 190 -16.96 2.22 9.61
C LEU A 190 -17.90 2.46 8.44
N VAL A 191 -17.35 2.41 7.22
CA VAL A 191 -18.20 2.30 6.03
C VAL A 191 -17.87 0.91 5.47
N VAL A 192 -18.87 0.05 5.37
CA VAL A 192 -18.64 -1.27 4.80
C VAL A 192 -19.38 -1.32 3.47
N VAL A 193 -18.73 -1.90 2.46
CA VAL A 193 -19.27 -1.84 1.09
C VAL A 193 -19.39 -3.24 0.50
N GLY A 194 -20.56 -3.58 -0.05
CA GLY A 194 -20.73 -4.85 -0.69
C GLY A 194 -20.55 -4.78 -2.19
N THR A 195 -19.82 -5.74 -2.76
CA THR A 195 -19.53 -5.75 -4.21
C THR A 195 -20.66 -6.43 -4.99
N GLY A 196 -21.44 -7.26 -4.30
CA GLY A 196 -22.49 -8.07 -4.94
C GLY A 196 -21.95 -9.37 -5.53
N ILE A 197 -20.67 -9.63 -5.30
CA ILE A 197 -20.00 -10.79 -5.84
C ILE A 197 -19.77 -11.80 -4.72
N ASN A 198 -20.14 -13.05 -4.99
N ASN A 198 -20.17 -13.04 -4.97
CA ASN A 198 -19.96 -14.12 -4.01
CA ASN A 198 -19.97 -14.13 -4.02
C ASN A 198 -18.67 -14.90 -4.23
C ASN A 198 -18.60 -14.77 -4.24
N ALA A 199 -17.91 -15.08 -3.14
CA ALA A 199 -16.64 -15.79 -3.20
C ALA A 199 -16.70 -17.04 -2.33
N SER A 200 -15.98 -18.08 -2.74
CA SER A 200 -15.87 -19.33 -1.96
C SER A 200 -14.62 -19.33 -1.09
N THR A 201 -14.83 -19.12 0.21
CA THR A 201 -13.73 -19.13 1.18
C THR A 201 -12.78 -20.30 0.97
N ALA A 202 -13.33 -21.52 0.99
CA ALA A 202 -12.54 -22.74 0.78
C ALA A 202 -11.67 -22.68 -0.48
N LYS A 203 -12.26 -22.25 -1.60
CA LYS A 203 -11.55 -22.14 -2.89
C LYS A 203 -10.41 -21.10 -2.90
N VAL A 204 -10.66 -19.94 -2.30
CA VAL A 204 -9.65 -18.88 -2.26
C VAL A 204 -8.52 -19.27 -1.30
N VAL A 205 -8.90 -19.78 -0.13
CA VAL A 205 -7.93 -20.22 0.88
C VAL A 205 -7.02 -21.29 0.31
N ASN A 206 -7.57 -22.19 -0.50
CA ASN A 206 -6.75 -23.22 -1.14
C ASN A 206 -5.84 -22.70 -2.25
N ASP A 207 -6.33 -21.72 -3.01
CA ASP A 207 -5.45 -20.97 -3.92
C ASP A 207 -4.26 -20.35 -3.18
N VAL A 208 -4.49 -19.81 -1.98
CA VAL A 208 -3.40 -19.24 -1.18
C VAL A 208 -2.44 -20.34 -0.73
N HIS A 209 -2.96 -21.50 -0.33
CA HIS A 209 -2.09 -22.63 0.06
C HIS A 209 -1.17 -23.05 -1.07
N LYS A 210 -1.75 -23.14 -2.26
CA LYS A 210 -1.02 -23.48 -3.46
C LYS A 210 0.10 -22.45 -3.76
N MSE A 211 -0.21 -21.16 -3.65
CA MSE A 211 0.81 -20.15 -3.89
C MSE A 211 1.97 -20.31 -2.91
O MSE A 211 3.14 -20.14 -3.27
CB MSE A 211 0.24 -18.74 -3.79
CG MSE A 211 1.30 -17.68 -4.04
SE MSE A 211 0.81 -16.06 -3.13
CE MSE A 211 2.38 -14.91 -3.63
N LYS A 212 1.65 -20.63 -1.66
CA LYS A 212 2.66 -20.91 -0.65
C LYS A 212 3.53 -22.11 -1.07
N GLN A 213 2.89 -23.21 -1.48
CA GLN A 213 3.60 -24.40 -2.04
C GLN A 213 4.44 -24.09 -3.27
N GLN A 214 4.02 -23.10 -4.06
CA GLN A 214 4.74 -22.77 -5.27
C GLN A 214 5.84 -21.75 -5.00
N GLN A 215 5.66 -20.95 -3.95
CA GLN A 215 6.57 -19.85 -3.62
C GLN A 215 6.78 -19.76 -2.12
N PRO A 216 7.42 -20.76 -1.53
CA PRO A 216 7.57 -20.79 -0.08
C PRO A 216 8.31 -19.56 0.43
N VAL A 217 9.36 -19.13 -0.29
CA VAL A 217 10.13 -18.00 0.19
C VAL A 217 9.40 -16.67 0.00
N GLN A 218 8.70 -16.50 -1.11
CA GLN A 218 7.96 -15.25 -1.32
C GLN A 218 6.82 -15.14 -0.32
N PHE A 219 6.06 -16.23 -0.18
CA PHE A 219 4.95 -16.26 0.76
C PHE A 219 5.42 -15.94 2.18
N LYS A 220 6.47 -16.61 2.64
CA LYS A 220 7.03 -16.34 3.97
C LYS A 220 7.38 -14.87 4.10
N ARG A 221 7.88 -14.27 3.03
CA ARG A 221 8.14 -12.82 3.09
C ARG A 221 6.85 -12.02 3.36
N LEU A 222 5.79 -12.29 2.59
CA LEU A 222 4.51 -11.59 2.78
C LEU A 222 3.87 -11.84 4.14
N TYR A 223 3.99 -13.09 4.61
CA TYR A 223 3.52 -13.48 5.92
C TYR A 223 4.23 -12.71 7.04
N ASP A 224 5.54 -12.55 6.96
CA ASP A 224 6.24 -11.85 8.04
C ASP A 224 5.91 -10.37 7.97
N ASN A 225 5.82 -9.88 6.73
CA ASN A 225 5.37 -8.51 6.46
C ASN A 225 4.05 -8.28 7.15
N TYR A 226 3.17 -9.29 7.09
CA TYR A 226 1.90 -9.22 7.81
C TYR A 226 2.02 -9.11 9.34
N THR A 227 2.84 -9.99 9.92
CA THR A 227 2.99 -10.04 11.38
C THR A 227 3.47 -8.70 11.95
N HIS A 228 4.34 -7.99 11.22
CA HIS A 228 4.73 -6.64 11.62
C HIS A 228 3.54 -5.66 11.63
N ILE A 229 2.69 -5.73 10.60
CA ILE A 229 1.53 -4.83 10.53
C ILE A 229 0.56 -5.06 11.70
N VAL A 230 0.25 -6.32 12.00
CA VAL A 230 -0.72 -6.62 13.05
C VAL A 230 -0.18 -6.22 14.44
N SER A 231 1.11 -6.45 14.65
CA SER A 231 1.81 -6.04 15.88
C SER A 231 1.60 -4.54 16.09
N GLN A 232 1.83 -3.80 15.02
CA GLN A 232 1.70 -2.37 15.07
C GLN A 232 0.24 -1.97 15.23
N ALA A 233 -0.67 -2.70 14.58
CA ALA A 233 -2.11 -2.43 14.70
C ALA A 233 -2.60 -2.54 16.15
N ARG A 234 -2.13 -3.58 16.84
CA ARG A 234 -2.41 -3.75 18.26
C ARG A 234 -1.93 -2.52 19.06
N GLU A 235 -0.73 -2.06 18.74
CA GLU A 235 -0.18 -0.85 19.35
C GLU A 235 -1.12 0.31 19.15
N ALA A 236 -1.34 0.67 17.87
CA ALA A 236 -2.23 1.77 17.49
C ALA A 236 -3.54 1.77 18.28
N LEU A 237 -4.13 0.59 18.49
CA LEU A 237 -5.40 0.44 19.22
C LEU A 237 -5.28 0.78 20.72
N GLN A 238 -4.24 0.25 21.34
CA GLN A 238 -3.97 0.48 22.77
C GLN A 238 -3.69 1.96 23.02
N LYS A 239 -3.07 2.61 22.04
CA LYS A 239 -2.80 4.04 22.07
C LYS A 239 -4.06 4.86 21.74
N GLY A 240 -4.94 4.28 20.94
CA GLY A 240 -6.10 5.01 20.43
C GLY A 240 -5.70 5.90 19.28
N ASP A 241 -4.72 5.44 18.51
CA ASP A 241 -4.23 6.15 17.35
C ASP A 241 -4.92 5.67 16.05
N LEU A 242 -5.99 6.35 15.67
CA LEU A 242 -6.80 5.90 14.52
C LEU A 242 -6.18 6.22 13.16
N GLN A 243 -5.46 7.32 13.03
CA GLN A 243 -4.78 7.63 11.78
C GLN A 243 -3.79 6.52 11.42
N ARG A 244 -3.02 6.08 12.41
CA ARG A 244 -2.04 5.04 12.19
C ARG A 244 -2.73 3.71 11.95
N LEU A 245 -3.81 3.45 12.68
CA LEU A 245 -4.58 2.26 12.47
C LEU A 245 -5.00 2.19 11.00
N GLY A 246 -5.45 3.31 10.46
CA GLY A 246 -5.90 3.39 9.07
C GLY A 246 -4.79 3.12 8.06
N GLN A 247 -3.65 3.76 8.25
CA GLN A 247 -2.48 3.50 7.43
C GLN A 247 -2.10 1.99 7.40
N LEU A 248 -2.21 1.32 8.53
CA LEU A 248 -1.91 -0.11 8.66
C LEU A 248 -2.91 -0.98 7.91
N MSE A 249 -4.20 -0.61 7.98
CA MSE A 249 -5.22 -1.24 7.16
C MSE A 249 -4.86 -1.14 5.68
O MSE A 249 -4.99 -2.11 4.94
CB MSE A 249 -6.60 -0.62 7.43
CG MSE A 249 -7.25 -1.07 8.74
SE MSE A 249 -8.73 0.08 9.13
CE MSE A 249 -10.01 -0.60 7.82
N ASN A 250 -4.41 0.02 5.23
CA ASN A 250 -3.96 0.18 3.84
C ASN A 250 -2.81 -0.77 3.50
N ALA A 251 -1.89 -0.88 4.45
CA ALA A 251 -0.72 -1.74 4.28
C ALA A 251 -1.18 -3.18 4.19
N ASN A 252 -2.15 -3.54 5.02
CA ASN A 252 -2.73 -4.88 5.00
C ASN A 252 -3.40 -5.18 3.68
N HIS A 253 -4.22 -4.26 3.18
CA HIS A 253 -4.82 -4.44 1.85
C HIS A 253 -3.74 -4.70 0.81
N ASP A 254 -2.68 -3.90 0.85
CA ASP A 254 -1.59 -4.07 -0.09
C ASP A 254 -1.07 -5.52 -0.09
N LEU A 255 -0.82 -6.06 1.11
CA LEU A 255 -0.40 -7.47 1.24
C LEU A 255 -1.41 -8.49 0.69
N CYS A 256 -2.70 -8.20 0.87
CA CYS A 256 -3.79 -9.02 0.33
C CYS A 256 -3.79 -9.03 -1.18
N ARG A 257 -3.51 -7.88 -1.78
CA ARG A 257 -3.35 -7.82 -3.23
C ARG A 257 -2.21 -8.73 -3.69
N GLN A 258 -1.16 -8.84 -2.88
CA GLN A 258 0.05 -9.61 -3.24
C GLN A 258 -0.12 -11.11 -3.09
N ILE A 259 -1.17 -11.55 -2.37
CA ILE A 259 -1.51 -12.98 -2.33
C ILE A 259 -2.68 -13.26 -3.27
N ASP A 260 -2.95 -12.28 -4.14
CA ASP A 260 -3.95 -12.38 -5.19
C ASP A 260 -5.37 -12.67 -4.66
N VAL A 261 -5.78 -11.99 -3.59
CA VAL A 261 -7.16 -12.14 -3.11
C VAL A 261 -8.01 -10.87 -3.27
N SER A 262 -7.50 -9.84 -3.94
CA SER A 262 -8.35 -8.70 -4.30
C SER A 262 -9.02 -8.92 -5.66
N CYS A 263 -9.65 -7.88 -6.20
CA CYS A 263 -10.26 -7.87 -7.52
C CYS A 263 -10.56 -6.42 -7.97
N ARG A 264 -10.86 -6.21 -9.25
CA ARG A 264 -11.15 -4.89 -9.82
C ARG A 264 -12.18 -4.10 -8.99
N GLU A 265 -13.26 -4.79 -8.60
CA GLU A 265 -14.35 -4.16 -7.88
C GLU A 265 -13.90 -3.70 -6.48
N LEU A 266 -13.15 -4.56 -5.80
CA LEU A 266 -12.59 -4.18 -4.52
C LEU A 266 -11.61 -3.01 -4.65
N GLU A 267 -10.74 -3.07 -5.65
CA GLU A 267 -9.78 -1.99 -5.85
C GLU A 267 -10.48 -0.64 -6.07
N SER A 268 -11.53 -0.64 -6.87
CA SER A 268 -12.30 0.58 -7.17
C SER A 268 -12.88 1.21 -5.89
N ILE A 269 -13.48 0.36 -5.07
CA ILE A 269 -14.04 0.78 -3.78
C ILE A 269 -12.96 1.38 -2.87
N VAL A 270 -11.88 0.64 -2.63
CA VAL A 270 -10.85 1.14 -1.71
C VAL A 270 -10.21 2.47 -2.17
N GLN A 271 -10.00 2.61 -3.48
CA GLN A 271 -9.46 3.84 -4.06
C GLN A 271 -10.42 5.02 -3.76
N THR A 272 -11.71 4.82 -4.00
CA THR A 272 -12.68 5.90 -3.74
C THR A 272 -12.81 6.26 -2.25
N CYS A 273 -12.76 5.25 -1.38
CA CYS A 273 -12.77 5.48 0.06
C CYS A 273 -11.58 6.36 0.50
N ARG A 274 -10.37 6.01 0.04
CA ARG A 274 -9.18 6.80 0.36
C ARG A 274 -9.27 8.24 -0.16
N THR A 275 -9.70 8.38 -1.40
CA THR A 275 -9.95 9.65 -2.06
C THR A 275 -10.84 10.59 -1.24
N TYR A 276 -11.88 10.03 -0.64
CA TYR A 276 -12.81 10.81 0.15
C TYR A 276 -12.47 10.90 1.63
N GLY A 277 -11.23 10.55 1.94
CA GLY A 277 -10.63 10.82 3.24
C GLY A 277 -10.70 9.70 4.26
N ALA A 278 -10.98 8.48 3.81
CA ALA A 278 -10.88 7.33 4.72
C ALA A 278 -9.49 7.31 5.35
N LEU A 279 -9.42 7.01 6.64
CA LEU A 279 -8.15 6.85 7.32
C LEU A 279 -7.45 5.60 6.82
N GLY A 280 -8.24 4.58 6.47
CA GLY A 280 -7.74 3.37 5.83
C GLY A 280 -8.89 2.64 5.18
N ALA A 281 -8.59 1.74 4.24
CA ALA A 281 -9.64 0.99 3.56
C ALA A 281 -9.03 -0.26 2.95
N LYS A 282 -9.77 -1.36 2.99
CA LYS A 282 -9.21 -2.62 2.54
C LYS A 282 -10.34 -3.60 2.34
N LEU A 283 -10.06 -4.64 1.58
CA LEU A 283 -10.98 -5.76 1.50
C LEU A 283 -11.12 -6.38 2.88
N SER A 284 -12.26 -7.01 3.14
CA SER A 284 -12.49 -7.63 4.46
C SER A 284 -12.99 -9.05 4.25
N GLY A 285 -12.21 -10.02 4.69
CA GLY A 285 -12.65 -11.41 4.64
C GLY A 285 -12.04 -12.14 3.47
N THR A 286 -12.87 -12.91 2.78
CA THR A 286 -12.41 -13.84 1.73
C THR A 286 -11.73 -13.12 0.57
N GLY A 287 -12.27 -11.96 0.22
CA GLY A 287 -11.80 -11.20 -0.94
C GLY A 287 -12.36 -11.77 -2.23
N ARG A 288 -11.86 -11.25 -3.35
CA ARG A 288 -12.31 -11.64 -4.71
C ARG A 288 -13.82 -11.45 -4.84
N GLY A 289 -14.32 -10.39 -4.23
CA GLY A 289 -15.76 -10.18 -4.08
C GLY A 289 -16.05 -9.82 -2.64
N GLY A 290 -17.28 -10.05 -2.20
CA GLY A 290 -17.62 -9.82 -0.80
C GLY A 290 -17.58 -8.34 -0.44
N ILE A 291 -17.01 -8.03 0.73
CA ILE A 291 -17.05 -6.69 1.30
C ILE A 291 -15.66 -6.06 1.43
N ALA A 292 -15.68 -4.73 1.47
CA ALA A 292 -14.54 -3.93 1.89
C ALA A 292 -14.97 -3.12 3.08
N VAL A 293 -13.99 -2.64 3.84
CA VAL A 293 -14.24 -1.83 5.02
C VAL A 293 -13.35 -0.58 4.99
N ALA A 294 -13.93 0.57 5.32
CA ALA A 294 -13.16 1.81 5.41
C ALA A 294 -13.29 2.34 6.83
N LEU A 295 -12.22 2.95 7.34
CA LEU A 295 -12.26 3.61 8.65
C LEU A 295 -12.38 5.13 8.47
N ALA A 296 -13.38 5.73 9.11
CA ALA A 296 -13.59 7.18 9.04
C ALA A 296 -13.12 7.80 10.36
N ALA A 297 -12.77 9.08 10.32
CA ALA A 297 -12.23 9.75 11.52
C ALA A 297 -13.36 10.20 12.45
N SER A 298 -14.56 10.32 11.90
CA SER A 298 -15.73 10.83 12.61
C SER A 298 -16.99 10.42 11.87
N SER A 299 -18.15 10.78 12.39
CA SER A 299 -19.41 10.53 11.70
C SER A 299 -19.58 11.45 10.48
N ASP A 300 -19.15 12.70 10.61
CA ASP A 300 -19.25 13.66 9.51
C ASP A 300 -18.42 13.25 8.29
N GLN A 301 -17.19 12.82 8.51
CA GLN A 301 -16.29 12.42 7.44
C GLN A 301 -16.77 11.13 6.78
N ARG A 302 -17.53 10.33 7.52
CA ARG A 302 -18.20 9.14 6.99
C ARG A 302 -19.24 9.55 5.93
N ASP A 303 -20.00 10.60 6.22
CA ASP A 303 -20.97 11.19 5.29
C ASP A 303 -20.34 11.57 3.95
N ALA A 304 -19.09 12.04 4.02
CA ALA A 304 -18.34 12.39 2.82
C ALA A 304 -17.94 11.13 2.04
N ILE A 305 -17.51 10.09 2.76
CA ILE A 305 -17.14 8.84 2.09
C ILE A 305 -18.36 8.18 1.43
N VAL A 306 -19.48 8.09 2.15
CA VAL A 306 -20.70 7.53 1.56
C VAL A 306 -21.17 8.33 0.33
N LYS A 307 -21.18 9.66 0.45
CA LYS A 307 -21.47 10.54 -0.69
C LYS A 307 -20.55 10.28 -1.88
N GLY A 308 -19.25 10.14 -1.60
CA GLY A 308 -18.24 9.97 -2.66
C GLY A 308 -18.33 8.63 -3.36
N LEU A 309 -18.59 7.58 -2.60
CA LEU A 309 -18.83 6.26 -3.18
C LEU A 309 -20.05 6.27 -4.12
N LYS A 310 -21.12 6.93 -3.69
CA LYS A 310 -22.34 6.95 -4.47
C LYS A 310 -22.16 7.73 -5.77
N ALA A 311 -21.41 8.81 -5.72
CA ALA A 311 -21.23 9.65 -6.90
C ALA A 311 -20.18 9.11 -7.85
N LYS A 312 -19.23 8.32 -7.32
CA LYS A 312 -17.99 8.06 -8.04
C LYS A 312 -17.59 6.60 -8.19
N CYS A 313 -18.28 5.71 -7.51
CA CYS A 313 -17.88 4.31 -7.50
C CYS A 313 -19.07 3.40 -7.74
N PRO A 314 -19.32 3.06 -9.00
CA PRO A 314 -20.43 2.19 -9.37
C PRO A 314 -20.25 0.79 -8.80
N GLU A 315 -19.02 0.45 -8.47
CA GLU A 315 -18.67 -0.87 -7.96
C GLU A 315 -19.13 -1.01 -6.50
N ALA A 316 -19.44 0.13 -5.86
CA ALA A 316 -19.97 0.09 -4.50
C ALA A 316 -21.49 -0.17 -4.47
N LYS A 317 -21.85 -1.43 -4.70
CA LYS A 317 -23.25 -1.87 -4.88
C LYS A 317 -24.14 -1.61 -3.64
N PHE A 318 -23.58 -1.79 -2.46
CA PHE A 318 -24.29 -1.65 -1.22
C PHE A 318 -23.37 -0.92 -0.29
N ILE A 319 -23.88 0.13 0.36
CA ILE A 319 -23.06 0.91 1.28
C ILE A 319 -23.77 1.00 2.62
N TRP A 320 -23.02 0.66 3.67
CA TRP A 320 -23.56 0.61 5.02
C TRP A 320 -22.68 1.44 5.94
N ARG A 321 -23.31 2.09 6.91
CA ARG A 321 -22.60 2.76 7.99
C ARG A 321 -22.71 1.84 9.18
N TYR A 322 -21.59 1.27 9.59
CA TYR A 322 -21.57 0.39 10.73
C TYR A 322 -20.61 0.98 11.77
N THR A 323 -20.73 0.56 13.02
CA THR A 323 -19.82 1.05 14.07
C THR A 323 -19.34 -0.05 14.99
N VAL A 324 -18.15 0.16 15.54
CA VAL A 324 -17.64 -0.67 16.61
C VAL A 324 -17.64 0.14 17.89
N GLN A 325 -18.21 -0.47 18.93
CA GLN A 325 -18.37 0.19 20.21
C GLN A 325 -17.09 0.04 21.04
N PRO A 326 -16.71 1.09 21.77
CA PRO A 326 -15.60 1.01 22.70
C PRO A 326 -15.90 0.05 23.84
N SER A 327 -14.89 -0.69 24.27
CA SER A 327 -15.01 -1.67 25.34
C SER A 327 -15.14 -1.01 26.71
N ALA A 328 -14.51 0.16 26.86
CA ALA A 328 -14.41 0.84 28.15
C ALA A 328 -14.52 2.36 28.00
N ALA A 329 -14.63 3.04 29.13
CA ALA A 329 -14.60 4.51 29.16
C ALA A 329 -13.16 5.00 28.99
N MSE B 4 41.41 33.74 -16.69
CA MSE B 4 40.70 32.52 -17.15
C MSE B 4 41.55 31.28 -16.94
O MSE B 4 42.77 31.36 -16.79
CB MSE B 4 40.34 32.63 -18.64
CG MSE B 4 39.43 33.79 -18.99
SE MSE B 4 37.74 33.72 -18.03
CE MSE B 4 36.59 32.86 -19.38
N SER B 5 40.88 30.13 -16.91
CA SER B 5 41.57 28.84 -16.91
C SER B 5 42.16 28.58 -18.30
N LYS B 6 43.45 28.26 -18.35
CA LYS B 6 44.08 27.80 -19.59
C LYS B 6 44.32 26.27 -19.56
N PRO B 7 44.22 25.60 -20.70
CA PRO B 7 44.28 24.14 -20.72
C PRO B 7 45.67 23.61 -20.42
N VAL B 8 45.77 22.77 -19.40
CA VAL B 8 47.05 22.26 -18.95
C VAL B 8 47.34 20.95 -19.69
N LYS B 9 46.36 20.06 -19.75
CA LYS B 9 46.48 18.81 -20.49
C LYS B 9 45.84 18.92 -21.89
N SER B 10 46.31 18.09 -22.83
N SER B 10 46.31 18.09 -22.82
CA SER B 10 45.74 18.08 -24.17
CA SER B 10 45.76 18.07 -24.17
C SER B 10 44.52 17.17 -24.29
C SER B 10 44.50 17.20 -24.25
N LYS B 11 44.47 16.13 -23.45
CA LYS B 11 43.43 15.12 -23.51
C LYS B 11 43.27 14.51 -22.13
N THR B 12 42.03 14.33 -21.67
CA THR B 12 41.78 13.72 -20.38
C THR B 12 42.14 12.25 -20.48
N THR B 13 42.67 11.71 -19.38
CA THR B 13 43.11 10.33 -19.32
C THR B 13 42.41 9.63 -18.15
N GLY B 14 41.73 10.41 -17.32
CA GLY B 14 41.02 9.85 -16.18
C GLY B 14 39.71 9.18 -16.54
N LYS B 15 38.90 8.89 -15.52
CA LYS B 15 37.55 8.36 -15.66
C LYS B 15 36.61 9.35 -14.98
N ASN B 16 36.14 10.32 -15.77
CA ASN B 16 35.40 11.48 -15.25
C ASN B 16 33.92 11.27 -15.40
N ILE B 17 33.22 11.08 -14.29
CA ILE B 17 31.86 10.53 -14.37
C ILE B 17 30.86 11.21 -13.45
N GLY B 18 29.58 11.08 -13.82
CA GLY B 18 28.44 11.45 -12.97
C GLY B 18 27.52 10.25 -12.78
N TYR B 19 27.05 10.04 -11.57
CA TYR B 19 26.15 8.92 -11.34
C TYR B 19 24.73 9.29 -11.68
N GLY B 20 23.98 8.26 -12.07
CA GLY B 20 22.52 8.37 -12.16
C GLY B 20 21.90 8.49 -10.78
N LYS B 21 20.59 8.70 -10.77
CA LYS B 21 19.85 9.13 -9.58
C LYS B 21 18.49 8.47 -9.57
N VAL B 22 18.13 7.85 -8.44
CA VAL B 22 16.76 7.39 -8.21
C VAL B 22 16.22 7.91 -6.87
N ILE B 23 14.99 8.41 -6.87
CA ILE B 23 14.37 8.79 -5.60
C ILE B 23 13.74 7.56 -4.95
N LEU B 24 14.29 7.13 -3.81
CA LEU B 24 13.75 5.98 -3.10
C LEU B 24 12.53 6.33 -2.28
N PHE B 25 12.62 7.43 -1.50
CA PHE B 25 11.51 7.90 -0.67
C PHE B 25 11.37 9.40 -0.81
N GLY B 26 10.13 9.85 -0.96
CA GLY B 26 9.80 11.23 -0.59
C GLY B 26 9.63 12.27 -1.67
N GLU B 27 9.55 11.84 -2.93
CA GLU B 27 9.11 12.74 -3.99
C GLU B 27 7.80 13.44 -3.60
N HIS B 28 7.68 14.71 -3.99
CA HIS B 28 6.52 15.57 -3.63
C HIS B 28 6.43 16.03 -2.16
N PHE B 29 6.43 15.08 -1.22
CA PHE B 29 6.40 15.41 0.22
C PHE B 29 7.61 16.27 0.62
N VAL B 30 8.74 16.05 -0.05
CA VAL B 30 9.97 16.76 0.31
C VAL B 30 9.84 18.28 0.15
N VAL B 31 9.09 18.73 -0.86
N VAL B 31 9.10 18.70 -0.87
CA VAL B 31 8.88 20.17 -1.06
CA VAL B 31 8.78 20.12 -1.10
C VAL B 31 7.99 20.83 0.01
C VAL B 31 8.20 20.78 0.16
N HIS B 32 7.41 20.01 0.90
CA HIS B 32 6.60 20.53 2.02
C HIS B 32 7.25 20.32 3.40
N GLY B 33 8.47 19.80 3.39
CA GLY B 33 9.34 19.77 4.59
C GLY B 33 9.70 18.38 5.05
N ALA B 34 9.17 17.38 4.35
CA ALA B 34 9.44 16.02 4.73
C ALA B 34 10.81 15.62 4.17
N GLU B 35 11.39 14.60 4.80
CA GLU B 35 12.71 14.10 4.46
C GLU B 35 12.57 13.13 3.30
N ALA B 36 13.57 13.14 2.42
CA ALA B 36 13.62 12.25 1.30
C ALA B 36 14.93 11.50 1.28
N ILE B 37 14.89 10.30 0.71
CA ILE B 37 16.07 9.49 0.49
C ILE B 37 16.26 9.35 -1.01
N VAL B 38 17.35 9.92 -1.50
CA VAL B 38 17.72 9.86 -2.91
C VAL B 38 18.90 8.91 -3.05
N ALA B 39 18.90 8.09 -4.11
CA ALA B 39 20.00 7.15 -4.36
C ALA B 39 20.81 7.49 -5.63
N GLY B 40 22.11 7.70 -5.46
CA GLY B 40 23.00 7.82 -6.60
C GLY B 40 23.44 6.42 -6.97
N ILE B 41 23.09 5.97 -8.18
CA ILE B 41 23.41 4.60 -8.61
C ILE B 41 24.81 4.48 -9.21
N SER B 42 25.35 3.25 -9.28
CA SER B 42 26.71 3.06 -9.81
C SER B 42 26.87 3.38 -11.30
N GLU B 43 25.81 3.06 -12.05
CA GLU B 43 25.77 3.28 -13.48
C GLU B 43 25.87 4.78 -13.75
N TYR B 44 26.69 5.14 -14.71
CA TYR B 44 27.17 6.53 -14.80
C TYR B 44 27.22 7.07 -16.24
N THR B 45 27.31 8.40 -16.34
CA THR B 45 27.69 9.03 -17.58
C THR B 45 29.17 9.40 -17.50
N GLU B 46 29.90 9.24 -18.62
CA GLU B 46 31.34 9.62 -18.68
C GLU B 46 31.57 10.74 -19.71
N CYS B 47 32.44 11.67 -19.38
CA CYS B 47 32.79 12.77 -20.25
C CYS B 47 34.29 12.69 -20.49
N ARG B 48 34.69 12.79 -21.77
CA ARG B 48 36.10 12.85 -22.13
C ARG B 48 36.30 14.12 -22.91
N LEU B 49 37.38 14.83 -22.61
CA LEU B 49 37.68 16.05 -23.34
C LEU B 49 39.06 16.03 -23.97
N GLU B 50 39.16 16.71 -25.10
CA GLU B 50 40.45 17.00 -25.70
C GLU B 50 40.42 18.36 -26.40
N ILE B 51 41.56 19.05 -26.40
CA ILE B 51 41.67 20.38 -27.04
C ILE B 51 41.43 20.31 -28.55
N ASN B 52 40.87 21.39 -29.11
CA ASN B 52 40.51 21.47 -30.54
C ASN B 52 41.13 22.80 -31.00
N PRO B 53 42.44 22.79 -31.24
CA PRO B 53 43.17 24.01 -31.56
C PRO B 53 42.69 24.60 -32.87
N GLY B 54 42.48 25.91 -32.91
CA GLY B 54 42.01 26.58 -34.13
C GLY B 54 40.53 26.47 -34.45
N VAL B 55 39.79 25.74 -33.59
CA VAL B 55 38.37 25.50 -33.74
C VAL B 55 37.67 25.91 -32.43
N PRO B 56 37.06 27.10 -32.44
CA PRO B 56 36.41 27.66 -31.26
C PRO B 56 35.14 26.96 -30.78
N GLY B 57 34.83 27.13 -29.50
CA GLY B 57 33.62 26.54 -28.90
C GLY B 57 33.71 25.06 -28.60
N LEU B 58 32.56 24.45 -28.32
CA LEU B 58 32.49 23.12 -27.73
C LEU B 58 31.86 22.18 -28.73
N GLN B 59 32.64 21.21 -29.23
CA GLN B 59 32.10 20.20 -30.14
C GLN B 59 31.62 19.00 -29.34
N VAL B 60 30.32 18.70 -29.41
CA VAL B 60 29.73 17.57 -28.66
C VAL B 60 29.44 16.34 -29.49
N ASP B 61 29.96 15.20 -29.03
CA ASP B 61 29.79 13.93 -29.70
C ASP B 61 29.11 13.06 -28.65
N ASP B 62 27.79 13.17 -28.59
CA ASP B 62 26.98 12.57 -27.53
C ASP B 62 26.58 11.12 -27.87
N GLN B 63 27.25 10.18 -27.22
CA GLN B 63 27.09 8.79 -27.54
C GLN B 63 26.49 7.96 -26.42
N ARG B 64 25.89 8.64 -25.42
CA ARG B 64 25.13 7.97 -24.36
C ARG B 64 24.00 7.11 -24.94
N PRO B 65 23.75 5.95 -24.32
CA PRO B 65 22.70 5.08 -24.76
C PRO B 65 21.30 5.60 -24.39
N ALA B 66 20.98 6.83 -24.77
CA ALA B 66 19.70 7.43 -24.37
C ALA B 66 18.48 6.76 -25.02
N ILE B 67 17.32 6.85 -24.36
CA ILE B 67 16.07 6.38 -24.99
C ILE B 67 15.83 7.18 -26.28
N PRO B 68 15.12 6.60 -27.25
CA PRO B 68 14.92 7.27 -28.53
C PRO B 68 14.34 8.65 -28.37
N GLY B 69 14.99 9.62 -29.00
CA GLY B 69 14.51 11.01 -29.01
C GLY B 69 15.01 11.90 -27.89
N TYR B 70 15.50 11.31 -26.81
CA TYR B 70 15.91 12.07 -25.61
C TYR B 70 16.99 13.11 -25.93
N ILE B 71 18.07 12.63 -26.54
CA ILE B 71 19.21 13.52 -26.84
C ILE B 71 18.76 14.72 -27.69
N ALA B 72 18.03 14.46 -28.77
CA ALA B 72 17.50 15.51 -29.65
C ALA B 72 16.65 16.52 -28.88
N GLN B 73 15.78 16.00 -28.01
CA GLN B 73 14.84 16.82 -27.27
C GLN B 73 15.56 17.72 -26.26
N LYS B 74 16.63 17.19 -25.64
CA LYS B 74 17.32 17.90 -24.56
C LYS B 74 18.47 18.77 -25.04
N ARG B 75 18.79 18.73 -26.33
CA ARG B 75 20.00 19.38 -26.83
C ARG B 75 20.06 20.89 -26.56
N ASP B 76 18.99 21.62 -26.85
CA ASP B 76 18.98 23.07 -26.56
C ASP B 76 19.32 23.42 -25.11
N GLU B 77 18.73 22.69 -24.17
CA GLU B 77 19.03 22.83 -22.76
C GLU B 77 20.49 22.42 -22.49
N GLN B 78 20.95 21.34 -23.11
CA GLN B 78 22.32 20.91 -22.90
C GLN B 78 23.34 21.98 -23.25
N ILE B 79 23.10 22.70 -24.36
CA ILE B 79 23.99 23.78 -24.79
C ILE B 79 24.08 24.82 -23.68
N LYS B 80 22.92 25.19 -23.12
CA LYS B 80 22.85 26.18 -22.03
C LYS B 80 23.61 25.69 -20.80
N ALA B 81 23.35 24.44 -20.42
CA ALA B 81 24.03 23.79 -19.28
C ALA B 81 25.55 23.80 -19.41
N HIS B 82 26.04 23.33 -20.57
CA HIS B 82 27.48 23.23 -20.77
C HIS B 82 28.10 24.63 -20.74
N GLN B 83 27.39 25.61 -21.30
CA GLN B 83 27.87 27.00 -21.22
C GLN B 83 27.92 27.54 -19.80
N LEU B 84 26.89 27.21 -19.02
CA LEU B 84 26.81 27.61 -17.64
C LEU B 84 27.99 27.09 -16.83
N VAL B 85 28.36 25.83 -17.09
CA VAL B 85 29.52 25.20 -16.44
C VAL B 85 30.83 25.87 -16.87
N LEU B 86 31.00 26.04 -18.17
CA LEU B 86 32.21 26.70 -18.70
C LEU B 86 32.36 28.08 -18.06
N ASP B 87 31.28 28.86 -18.10
CA ASP B 87 31.24 30.21 -17.49
C ASP B 87 31.70 30.17 -16.03
N HIS B 88 31.13 29.23 -15.29
CA HIS B 88 31.38 29.07 -13.86
C HIS B 88 32.85 28.75 -13.56
N LEU B 89 33.45 27.93 -14.42
CA LEU B 89 34.81 27.45 -14.23
C LEU B 89 35.83 28.35 -14.95
N LYS B 90 35.33 29.46 -15.51
CA LYS B 90 36.17 30.48 -16.15
C LYS B 90 36.96 29.86 -17.31
N VAL B 91 36.26 29.13 -18.16
CA VAL B 91 36.86 28.48 -19.32
C VAL B 91 36.42 29.23 -20.57
N ASP B 92 37.40 29.75 -21.31
CA ASP B 92 37.14 30.51 -22.52
C ASP B 92 37.54 29.70 -23.74
N LEU B 93 36.55 29.40 -24.57
CA LEU B 93 36.74 28.57 -25.75
C LEU B 93 36.63 29.39 -27.05
N SER B 94 36.77 30.72 -26.90
CA SER B 94 36.60 31.65 -28.03
C SER B 94 37.65 31.47 -29.11
N GLY B 95 38.76 30.81 -28.76
CA GLY B 95 39.82 30.56 -29.76
C GLY B 95 40.01 29.08 -30.04
N ASP B 96 40.87 28.44 -29.24
CA ASP B 96 41.05 26.99 -29.27
C ASP B 96 39.93 26.40 -28.43
N GLY B 97 39.10 25.54 -29.03
CA GLY B 97 37.98 24.92 -28.31
C GLY B 97 38.25 23.54 -27.72
N LEU B 98 37.17 22.78 -27.51
CA LEU B 98 37.26 21.43 -26.96
C LEU B 98 36.38 20.52 -27.76
N LYS B 99 36.81 19.26 -27.83
CA LYS B 99 36.00 18.19 -28.37
C LYS B 99 35.61 17.38 -27.16
N MSE B 100 34.32 17.16 -27.03
CA MSE B 100 33.77 16.40 -25.91
C MSE B 100 33.13 15.11 -26.40
O MSE B 100 32.31 15.13 -27.31
CB MSE B 100 32.70 17.23 -25.22
CG MSE B 100 31.88 16.46 -24.21
SE MSE B 100 30.65 17.76 -23.49
CE MSE B 100 30.00 16.77 -22.03
N PHE B 101 33.50 14.01 -25.78
CA PHE B 101 32.81 12.75 -26.03
C PHE B 101 31.99 12.40 -24.77
N ILE B 102 30.68 12.17 -24.94
CA ILE B 102 29.82 11.70 -23.83
C ILE B 102 29.41 10.23 -24.02
N GLY B 103 29.64 9.44 -22.98
CA GLY B 103 29.39 8.01 -23.02
C GLY B 103 28.95 7.51 -21.65
N GLY B 104 29.45 6.32 -21.29
CA GLY B 104 29.06 5.63 -20.06
C GLY B 104 27.77 4.85 -20.24
N PRO B 105 27.56 3.84 -19.37
CA PRO B 105 26.38 2.96 -19.42
C PRO B 105 25.03 3.49 -18.93
N LEU B 106 25.00 4.61 -18.22
CA LEU B 106 23.71 5.18 -17.78
C LEU B 106 22.83 5.49 -18.98
N VAL B 107 21.57 5.08 -18.93
CA VAL B 107 20.60 5.35 -20.02
C VAL B 107 19.80 6.60 -19.68
N PRO B 108 20.08 7.74 -20.33
CA PRO B 108 19.31 8.95 -20.08
C PRO B 108 17.85 8.78 -20.43
N SER B 109 17.00 9.20 -19.50
CA SER B 109 15.56 9.03 -19.60
C SER B 109 14.98 9.88 -18.50
N SER B 110 13.75 10.36 -18.68
CA SER B 110 13.15 11.17 -17.61
C SER B 110 13.19 10.44 -16.28
N GLY B 111 13.52 11.19 -15.21
CA GLY B 111 13.50 10.65 -13.85
C GLY B 111 14.81 10.06 -13.34
N ILE B 112 15.77 9.84 -14.24
CA ILE B 112 17.05 9.23 -13.83
C ILE B 112 18.18 10.22 -13.47
N GLY B 113 17.88 11.52 -13.54
CA GLY B 113 18.86 12.56 -13.17
C GLY B 113 19.99 12.72 -14.16
N ALA B 114 19.73 12.34 -15.40
CA ALA B 114 20.77 12.18 -16.42
C ALA B 114 21.42 13.51 -16.80
N SER B 115 20.65 14.60 -16.71
CA SER B 115 21.19 15.93 -16.98
C SER B 115 22.26 16.28 -15.94
N ALA B 116 22.00 15.95 -14.67
CA ALA B 116 22.96 16.18 -13.59
C ALA B 116 24.20 15.33 -13.79
N SER B 117 24.01 14.08 -14.18
CA SER B 117 25.15 13.16 -14.45
C SER B 117 26.04 13.78 -15.53
N ASP B 118 25.39 14.31 -16.57
CA ASP B 118 26.09 15.04 -17.68
C ASP B 118 26.99 16.17 -17.18
N VAL B 119 26.42 17.14 -16.46
CA VAL B 119 27.20 18.30 -15.99
C VAL B 119 28.23 17.93 -14.92
N VAL B 120 27.93 16.93 -14.09
CA VAL B 120 28.97 16.47 -13.15
C VAL B 120 30.15 15.85 -13.90
N ALA B 121 29.88 15.01 -14.89
CA ALA B 121 30.95 14.39 -15.69
C ALA B 121 31.81 15.47 -16.34
N PHE B 122 31.11 16.46 -16.90
CA PHE B 122 31.71 17.59 -17.60
C PHE B 122 32.58 18.38 -16.63
N SER B 123 32.04 18.69 -15.45
CA SER B 123 32.78 19.42 -14.44
C SER B 123 34.05 18.70 -14.04
N ARG B 124 33.94 17.39 -13.83
CA ARG B 124 35.12 16.57 -13.52
C ARG B 124 36.13 16.52 -14.68
N ALA B 125 35.64 16.38 -15.90
CA ALA B 125 36.53 16.40 -17.07
C ALA B 125 37.26 17.76 -17.23
N LEU B 126 36.56 18.84 -16.95
CA LEU B 126 37.16 20.17 -17.00
C LEU B 126 38.23 20.30 -15.93
N SER B 127 37.92 19.79 -14.74
CA SER B 127 38.87 19.89 -13.65
C SER B 127 40.14 19.15 -14.05
N GLU B 128 39.97 18.02 -14.73
CA GLU B 128 41.16 17.30 -15.18
C GLU B 128 41.94 18.10 -16.20
N LEU B 129 41.28 18.50 -17.28
CA LEU B 129 41.95 19.11 -18.42
C LEU B 129 42.63 20.42 -18.05
N TYR B 130 41.97 21.24 -17.23
CA TYR B 130 42.52 22.55 -16.82
C TYR B 130 43.29 22.50 -15.48
N GLN B 131 43.38 21.29 -14.93
CA GLN B 131 44.04 21.03 -13.64
C GLN B 131 43.55 22.00 -12.56
N LEU B 132 42.24 21.98 -12.34
CA LEU B 132 41.57 22.85 -11.37
C LEU B 132 41.53 22.27 -9.95
N ASN B 133 41.80 20.98 -9.84
CA ASN B 133 41.81 20.24 -8.56
C ASN B 133 40.53 20.39 -7.74
N LEU B 134 39.39 20.43 -8.41
CA LEU B 134 38.11 20.67 -7.72
C LEU B 134 37.80 19.63 -6.68
N THR B 135 37.35 20.07 -5.50
CA THR B 135 36.85 19.14 -4.50
C THR B 135 35.46 18.70 -4.95
N ASP B 136 34.95 17.63 -4.35
CA ASP B 136 33.58 17.19 -4.60
C ASP B 136 32.56 18.31 -4.43
N GLU B 137 32.78 19.14 -3.42
CA GLU B 137 31.88 20.26 -3.08
C GLU B 137 31.90 21.28 -4.22
N GLU B 138 33.09 21.57 -4.73
CA GLU B 138 33.26 22.42 -5.89
C GLU B 138 32.67 21.82 -7.17
N VAL B 139 32.82 20.51 -7.33
CA VAL B 139 32.22 19.84 -8.49
C VAL B 139 30.70 19.94 -8.40
N ASN B 140 30.16 19.64 -7.22
CA ASN B 140 28.72 19.67 -6.94
C ASN B 140 28.12 21.03 -7.24
N LEU B 141 28.80 22.10 -6.83
CA LEU B 141 28.30 23.45 -7.12
C LEU B 141 28.31 23.71 -8.62
N SER B 142 29.39 23.28 -9.28
CA SER B 142 29.51 23.47 -10.71
C SER B 142 28.32 22.82 -11.41
N ALA B 143 27.99 21.62 -10.98
CA ALA B 143 26.87 20.88 -11.56
C ALA B 143 25.54 21.57 -11.27
N PHE B 144 25.39 22.04 -10.05
CA PHE B 144 24.20 22.78 -9.63
C PHE B 144 23.96 23.96 -10.56
N VAL B 145 25.02 24.71 -10.84
CA VAL B 145 24.99 25.86 -11.74
C VAL B 145 24.53 25.40 -13.14
N GLY B 146 25.18 24.36 -13.64
CA GLY B 146 24.89 23.79 -14.96
C GLY B 146 23.46 23.32 -15.11
N GLU B 147 22.89 22.76 -14.04
CA GLU B 147 21.51 22.27 -14.03
C GLU B 147 20.51 23.39 -14.28
N GLY B 148 20.94 24.64 -14.07
CA GLY B 148 20.12 25.80 -14.40
C GLY B 148 19.78 25.87 -15.88
N GLY B 149 20.59 25.22 -16.71
CA GLY B 149 20.37 25.15 -18.17
C GLY B 149 19.21 24.26 -18.59
N TYR B 150 18.91 23.28 -17.75
CA TYR B 150 17.80 22.38 -17.99
C TYR B 150 16.57 22.87 -17.22
N HIS B 151 16.79 23.24 -15.96
CA HIS B 151 15.69 23.48 -15.03
C HIS B 151 15.57 24.95 -14.66
N GLY B 152 14.36 25.35 -14.29
CA GLY B 152 14.14 26.72 -13.81
C GLY B 152 14.70 26.86 -12.40
N THR B 153 14.41 25.85 -11.57
CA THR B 153 14.93 25.80 -10.21
C THR B 153 15.39 24.39 -9.81
N PRO B 154 16.65 24.06 -10.13
CA PRO B 154 17.26 22.81 -9.65
C PRO B 154 17.20 22.74 -8.11
N SER B 155 16.72 21.62 -7.57
CA SER B 155 16.61 21.42 -6.12
C SER B 155 17.97 21.14 -5.50
N GLY B 156 18.83 20.47 -6.24
CA GLY B 156 20.13 20.06 -5.68
C GLY B 156 20.25 18.56 -5.48
N ALA B 157 19.12 17.86 -5.44
CA ALA B 157 19.14 16.40 -5.23
C ALA B 157 19.92 15.68 -6.33
N ASP B 158 19.62 16.03 -7.58
CA ASP B 158 20.19 15.34 -8.74
C ASP B 158 21.69 15.56 -8.80
N ASN B 159 22.14 16.82 -8.76
CA ASN B 159 23.62 17.05 -8.76
C ASN B 159 24.32 16.38 -7.58
N THR B 160 23.70 16.44 -6.39
CA THR B 160 24.29 15.84 -5.20
C THR B 160 24.46 14.32 -5.35
N ALA B 161 23.45 13.63 -5.86
CA ALA B 161 23.51 12.19 -6.08
C ALA B 161 24.56 11.88 -7.15
N ALA B 162 24.57 12.73 -8.19
CA ALA B 162 25.48 12.54 -9.33
C ALA B 162 26.94 12.74 -8.96
N THR B 163 27.17 13.63 -8.00
N THR B 163 27.20 13.62 -8.00
CA THR B 163 28.52 13.96 -7.54
CA THR B 163 28.56 13.89 -7.56
C THR B 163 29.07 12.93 -6.56
C THR B 163 29.05 12.81 -6.61
N TYR B 164 28.25 12.55 -5.58
CA TYR B 164 28.71 11.73 -4.44
C TYR B 164 28.34 10.26 -4.56
N GLY B 165 27.24 9.94 -5.24
CA GLY B 165 26.74 8.57 -5.28
C GLY B 165 26.24 8.07 -3.91
N GLY B 166 25.75 6.83 -3.86
CA GLY B 166 25.28 6.26 -2.62
C GLY B 166 23.91 6.80 -2.19
N LEU B 167 23.56 6.58 -0.93
CA LEU B 167 22.30 7.04 -0.38
C LEU B 167 22.46 8.42 0.24
N ILE B 168 21.54 9.33 -0.08
CA ILE B 168 21.66 10.70 0.41
C ILE B 168 20.36 11.13 1.08
N LEU B 169 20.47 11.58 2.33
N LEU B 169 20.47 11.60 2.32
CA LEU B 169 19.33 12.14 3.02
CA LEU B 169 19.29 12.13 3.03
C LEU B 169 19.15 13.57 2.55
C LEU B 169 19.11 13.59 2.67
N TYR B 170 17.94 13.90 2.13
CA TYR B 170 17.59 15.25 1.67
C TYR B 170 16.41 15.75 2.50
N ARG B 171 16.62 16.90 3.14
CA ARG B 171 15.61 17.53 4.00
C ARG B 171 15.67 19.03 3.79
N ARG B 172 14.53 19.70 3.89
CA ARG B 172 14.47 21.16 3.88
C ARG B 172 14.31 21.66 5.31
N GLN B 173 15.42 22.05 5.94
CA GLN B 173 15.40 22.45 7.36
C GLN B 173 15.61 23.94 7.67
N ASN B 174 14.51 24.58 8.10
CA ASN B 174 14.49 26.01 8.42
C ASN B 174 14.64 26.89 7.18
N GLY B 175 13.97 26.49 6.10
CA GLY B 175 13.99 27.23 4.84
C GLY B 175 15.20 26.94 3.96
N LYS B 176 16.10 26.10 4.46
CA LYS B 176 17.31 25.76 3.71
C LYS B 176 17.39 24.27 3.44
N SER B 177 17.94 23.92 2.28
CA SER B 177 18.04 22.53 1.86
C SER B 177 19.33 21.92 2.37
N VAL B 178 19.21 20.71 2.92
CA VAL B 178 20.34 20.07 3.57
C VAL B 178 20.46 18.66 2.99
N PHE B 179 21.68 18.29 2.63
CA PHE B 179 22.00 17.00 2.05
C PHE B 179 23.07 16.34 2.93
N LYS B 180 22.95 15.04 3.15
CA LYS B 180 23.86 14.31 4.04
C LYS B 180 23.88 12.87 3.60
N PRO B 181 25.05 12.23 3.58
CA PRO B 181 25.14 10.85 3.16
C PRO B 181 24.60 9.90 4.22
N ILE B 182 23.96 8.82 3.77
N ILE B 182 23.94 8.82 3.78
CA ILE B 182 23.55 7.75 4.67
CA ILE B 182 23.55 7.75 4.68
C ILE B 182 24.50 6.56 4.49
C ILE B 182 24.50 6.57 4.49
N ALA B 183 25.21 6.21 5.56
CA ALA B 183 26.12 5.07 5.56
C ALA B 183 25.30 3.79 5.49
N PHE B 184 25.73 2.87 4.63
CA PHE B 184 25.00 1.63 4.39
C PHE B 184 25.95 0.54 3.92
N GLN B 185 25.70 -0.69 4.37
CA GLN B 185 26.62 -1.80 4.16
C GLN B 185 26.09 -2.90 3.25
N GLN B 186 24.90 -2.72 2.70
CA GLN B 186 24.33 -3.70 1.75
C GLN B 186 24.03 -3.09 0.39
N ARG B 187 24.45 -3.76 -0.68
CA ARG B 187 24.18 -3.33 -2.05
C ARG B 187 22.69 -3.40 -2.33
N LEU B 188 22.16 -2.37 -2.97
CA LEU B 188 20.79 -2.39 -3.45
C LEU B 188 20.78 -2.85 -4.90
N TYR B 189 20.04 -3.92 -5.18
CA TYR B 189 19.79 -4.35 -6.55
C TYR B 189 18.44 -3.81 -7.00
N LEU B 190 18.46 -2.91 -7.97
CA LEU B 190 17.25 -2.27 -8.46
C LEU B 190 16.87 -2.72 -9.87
N VAL B 191 15.58 -2.74 -10.13
CA VAL B 191 15.03 -2.72 -11.47
C VAL B 191 14.36 -1.35 -11.60
N VAL B 192 14.76 -0.57 -12.60
CA VAL B 192 14.16 0.74 -12.80
C VAL B 192 13.51 0.64 -14.15
N VAL B 193 12.24 1.03 -14.22
CA VAL B 193 11.42 0.84 -15.41
C VAL B 193 10.89 2.18 -15.96
N GLY B 194 11.12 2.44 -17.25
CA GLY B 194 10.58 3.62 -17.91
C GLY B 194 9.27 3.35 -18.62
N THR B 195 8.30 4.24 -18.40
CA THR B 195 6.97 4.12 -19.04
C THR B 195 7.00 4.58 -20.50
N GLY B 196 8.05 5.30 -20.86
CA GLY B 196 8.08 6.00 -22.15
C GLY B 196 7.17 7.23 -22.18
N ILE B 197 6.55 7.56 -21.03
CA ILE B 197 5.63 8.70 -20.92
C ILE B 197 6.32 9.89 -20.28
N ASN B 198 6.40 11.00 -21.02
CA ASN B 198 6.91 12.27 -20.51
C ASN B 198 5.81 13.03 -19.81
N ALA B 199 5.92 13.15 -18.50
CA ALA B 199 4.94 13.90 -17.71
C ALA B 199 5.32 15.39 -17.65
N SER B 200 4.33 16.26 -17.74
CA SER B 200 4.54 17.69 -17.57
C SER B 200 4.79 17.95 -16.08
N THR B 201 6.07 18.01 -15.72
CA THR B 201 6.45 18.23 -14.33
C THR B 201 5.68 19.40 -13.72
N ALA B 202 5.77 20.57 -14.36
CA ALA B 202 5.07 21.78 -13.89
C ALA B 202 3.59 21.55 -13.55
N LYS B 203 2.90 20.77 -14.38
CA LYS B 203 1.50 20.42 -14.16
C LYS B 203 1.28 19.59 -12.87
N VAL B 204 2.08 18.53 -12.69
CA VAL B 204 1.94 17.60 -11.54
C VAL B 204 2.27 18.29 -10.22
N VAL B 205 3.37 19.06 -10.26
CA VAL B 205 3.78 19.90 -9.15
C VAL B 205 2.62 20.81 -8.75
N ASN B 206 1.93 21.35 -9.75
CA ASN B 206 0.83 22.28 -9.51
C ASN B 206 -0.43 21.58 -9.01
N ASP B 207 -0.72 20.41 -9.58
CA ASP B 207 -1.88 19.63 -9.18
C ASP B 207 -1.78 19.19 -7.72
N VAL B 208 -0.57 18.87 -7.27
CA VAL B 208 -0.33 18.58 -5.85
C VAL B 208 -0.43 19.86 -5.02
N HIS B 209 0.08 20.97 -5.56
CA HIS B 209 -0.02 22.28 -4.93
C HIS B 209 -1.48 22.62 -4.62
N LYS B 210 -2.33 22.51 -5.64
CA LYS B 210 -3.77 22.75 -5.49
C LYS B 210 -4.46 21.86 -4.45
N MSE B 211 -4.05 20.59 -4.39
CA MSE B 211 -4.64 19.63 -3.45
C MSE B 211 -4.41 20.03 -2.00
O MSE B 211 -5.29 19.87 -1.15
CB MSE B 211 -4.16 18.19 -3.68
CG MSE B 211 -4.82 17.17 -2.74
SE MSE B 211 -3.98 15.39 -2.67
CE MSE B 211 -4.94 14.65 -1.11
N LYS B 212 -3.22 20.54 -1.71
CA LYS B 212 -2.89 20.97 -0.36
C LYS B 212 -3.75 22.18 0.06
N GLN B 213 -3.88 23.14 -0.84
CA GLN B 213 -4.68 24.33 -0.60
C GLN B 213 -6.15 23.93 -0.47
N GLN B 214 -6.68 23.30 -1.51
CA GLN B 214 -8.12 22.98 -1.61
C GLN B 214 -8.56 21.86 -0.67
N GLN B 215 -7.66 20.95 -0.33
CA GLN B 215 -7.97 19.88 0.62
C GLN B 215 -6.93 19.83 1.75
N PRO B 216 -6.90 20.85 2.60
CA PRO B 216 -5.83 21.00 3.60
C PRO B 216 -5.77 19.88 4.62
N VAL B 217 -6.93 19.39 5.05
CA VAL B 217 -7.03 18.42 6.14
C VAL B 217 -6.55 17.00 5.76
N GLN B 218 -7.00 16.52 4.61
CA GLN B 218 -6.58 15.19 4.17
C GLN B 218 -5.11 15.19 3.77
N PHE B 219 -4.66 16.24 3.08
CA PHE B 219 -3.27 16.35 2.64
C PHE B 219 -2.32 16.27 3.82
N LYS B 220 -2.66 16.99 4.90
CA LYS B 220 -1.87 16.95 6.11
C LYS B 220 -1.78 15.54 6.67
N ARG B 221 -2.87 14.78 6.54
CA ARG B 221 -2.89 13.37 6.97
C ARG B 221 -1.86 12.56 6.17
N LEU B 222 -1.83 12.78 4.86
CA LEU B 222 -0.96 12.03 3.97
C LEU B 222 0.51 12.43 4.16
N TYR B 223 0.76 13.74 4.29
CA TYR B 223 2.08 14.25 4.65
C TYR B 223 2.57 13.65 5.93
N ASP B 224 1.72 13.69 6.96
CA ASP B 224 2.08 13.14 8.25
C ASP B 224 2.29 11.64 8.17
N ASN B 225 1.47 10.95 7.37
CA ASN B 225 1.68 9.52 7.18
C ASN B 225 3.01 9.26 6.49
N TYR B 226 3.37 10.15 5.56
CA TYR B 226 4.66 10.00 4.91
C TYR B 226 5.83 10.14 5.90
N THR B 227 5.81 11.16 6.75
CA THR B 227 6.88 11.37 7.73
C THR B 227 7.16 10.13 8.54
N HIS B 228 6.10 9.39 8.88
CA HIS B 228 6.27 8.15 9.61
C HIS B 228 6.93 7.08 8.73
N ILE B 229 6.56 7.03 7.46
CA ILE B 229 7.15 6.06 6.52
C ILE B 229 8.66 6.26 6.38
N VAL B 230 9.08 7.50 6.08
CA VAL B 230 10.50 7.78 5.91
C VAL B 230 11.28 7.66 7.24
N SER B 231 10.63 8.01 8.35
CA SER B 231 11.27 7.80 9.65
C SER B 231 11.61 6.32 9.81
N GLN B 232 10.67 5.45 9.45
N GLN B 232 10.66 5.46 9.47
CA GLN B 232 10.87 4.01 9.59
CA GLN B 232 10.85 4.02 9.58
C GLN B 232 11.84 3.48 8.54
C GLN B 232 11.86 3.50 8.55
N ALA B 233 11.88 4.13 7.37
CA ALA B 233 12.82 3.78 6.32
C ALA B 233 14.27 4.02 6.76
N ARG B 234 14.51 5.19 7.35
CA ARG B 234 15.83 5.52 7.89
C ARG B 234 16.24 4.52 8.96
N GLU B 235 15.26 4.06 9.73
CA GLU B 235 15.48 3.06 10.77
C GLU B 235 15.79 1.70 10.18
N ALA B 236 15.08 1.34 9.11
CA ALA B 236 15.35 0.08 8.42
C ALA B 236 16.73 0.09 7.75
N LEU B 237 17.16 1.27 7.27
CA LEU B 237 18.49 1.41 6.71
C LEU B 237 19.53 1.22 7.80
N GLN B 238 19.25 1.76 8.99
CA GLN B 238 20.18 1.67 10.13
C GLN B 238 20.26 0.24 10.69
N LYS B 239 19.16 -0.51 10.55
CA LYS B 239 19.11 -1.90 11.04
C LYS B 239 19.60 -2.93 10.01
N GLY B 240 19.77 -2.50 8.75
CA GLY B 240 20.10 -3.41 7.64
C GLY B 240 18.95 -4.30 7.14
N ASP B 241 17.74 -3.78 7.23
CA ASP B 241 16.54 -4.58 6.96
C ASP B 241 15.91 -4.20 5.60
N LEU B 242 16.40 -4.83 4.53
CA LEU B 242 15.91 -4.52 3.19
C LEU B 242 14.48 -4.98 2.91
N GLN B 243 14.05 -6.05 3.58
CA GLN B 243 12.68 -6.52 3.45
C GLN B 243 11.73 -5.44 3.97
N ARG B 244 12.05 -4.88 5.15
CA ARG B 244 11.27 -3.78 5.73
C ARG B 244 11.39 -2.50 4.87
N LEU B 245 12.57 -2.23 4.32
CA LEU B 245 12.77 -1.13 3.38
C LEU B 245 11.79 -1.25 2.20
N GLY B 246 11.73 -2.44 1.61
CA GLY B 246 10.81 -2.71 0.51
C GLY B 246 9.36 -2.46 0.87
N GLN B 247 8.94 -2.98 2.02
CA GLN B 247 7.55 -2.83 2.50
C GLN B 247 7.21 -1.36 2.63
N LEU B 248 8.18 -0.57 3.06
CA LEU B 248 7.97 0.86 3.26
C LEU B 248 7.89 1.59 1.92
N MSE B 249 8.68 1.13 0.94
CA MSE B 249 8.57 1.57 -0.45
C MSE B 249 7.16 1.39 -1.00
O MSE B 249 6.61 2.32 -1.59
CB MSE B 249 9.60 0.85 -1.34
CG MSE B 249 11.03 1.32 -1.19
SE MSE B 249 12.31 0.11 -2.15
CE MSE B 249 11.86 0.62 -4.05
N ASN B 250 6.60 0.18 -0.81
CA ASN B 250 5.20 -0.09 -1.17
C ASN B 250 4.28 0.90 -0.48
N ALA B 251 4.52 1.14 0.81
CA ALA B 251 3.69 2.10 1.57
C ALA B 251 3.82 3.50 1.03
N ASN B 252 5.04 3.91 0.70
CA ASN B 252 5.27 5.23 0.13
C ASN B 252 4.54 5.33 -1.20
N HIS B 253 4.54 4.26 -2.00
CA HIS B 253 3.80 4.28 -3.26
C HIS B 253 2.31 4.58 -3.02
N ASP B 254 1.76 3.97 -1.98
CA ASP B 254 0.34 4.10 -1.68
C ASP B 254 -0.03 5.53 -1.33
N LEU B 255 0.85 6.22 -0.60
CA LEU B 255 0.64 7.61 -0.27
C LEU B 255 0.72 8.45 -1.53
N CYS B 256 1.63 8.08 -2.45
CA CYS B 256 1.73 8.73 -3.76
C CYS B 256 0.47 8.60 -4.64
N ARG B 257 -0.17 7.44 -4.64
CA ARG B 257 -1.46 7.30 -5.28
C ARG B 257 -2.50 8.26 -4.67
N GLN B 258 -2.44 8.43 -3.36
CA GLN B 258 -3.44 9.22 -2.66
C GLN B 258 -3.25 10.72 -2.84
N ILE B 259 -2.06 11.13 -3.28
CA ILE B 259 -1.87 12.51 -3.78
C ILE B 259 -1.96 12.59 -5.31
N ASP B 260 -2.41 11.50 -5.93
CA ASP B 260 -2.82 11.46 -7.32
C ASP B 260 -1.67 11.72 -8.30
N VAL B 261 -0.51 11.14 -8.00
CA VAL B 261 0.66 11.27 -8.89
C VAL B 261 1.06 9.98 -9.60
N SER B 262 0.27 8.94 -9.40
CA SER B 262 0.50 7.72 -10.14
C SER B 262 -0.31 7.75 -11.43
N CYS B 263 -0.30 6.65 -12.15
CA CYS B 263 -1.08 6.49 -13.37
C CYS B 263 -1.21 5.01 -13.69
N ARG B 264 -2.05 4.66 -14.67
CA ARG B 264 -2.35 3.27 -14.97
C ARG B 264 -1.09 2.47 -15.30
N GLU B 265 -0.19 3.12 -16.03
CA GLU B 265 1.05 2.50 -16.50
C GLU B 265 1.99 2.16 -15.33
N LEU B 266 2.20 3.11 -14.42
CA LEU B 266 3.00 2.90 -13.20
C LEU B 266 2.38 1.80 -12.34
N GLU B 267 1.07 1.87 -12.14
CA GLU B 267 0.34 0.80 -11.45
C GLU B 267 0.61 -0.58 -12.02
N SER B 268 0.56 -0.73 -13.34
CA SER B 268 0.82 -2.01 -13.99
C SER B 268 2.25 -2.51 -13.75
N ILE B 269 3.20 -1.58 -13.82
CA ILE B 269 4.62 -1.91 -13.57
C ILE B 269 4.79 -2.38 -12.11
N VAL B 270 4.38 -1.54 -11.17
CA VAL B 270 4.58 -1.87 -9.76
C VAL B 270 3.88 -3.18 -9.36
N GLN B 271 2.67 -3.42 -9.90
N GLN B 271 2.66 -3.40 -9.87
CA GLN B 271 1.95 -4.66 -9.65
CA GLN B 271 1.96 -4.67 -9.65
C GLN B 271 2.72 -5.90 -10.14
C GLN B 271 2.83 -5.85 -10.08
N THR B 272 3.29 -5.82 -11.33
CA THR B 272 4.08 -6.93 -11.89
C THR B 272 5.41 -7.11 -11.12
N CYS B 273 6.00 -6.00 -10.69
CA CYS B 273 7.24 -6.07 -9.93
C CYS B 273 7.01 -6.89 -8.65
N ARG B 274 5.94 -6.58 -7.93
CA ARG B 274 5.62 -7.29 -6.69
C ARG B 274 5.24 -8.74 -6.96
N THR B 275 4.45 -8.96 -8.02
CA THR B 275 4.10 -10.31 -8.42
C THR B 275 5.33 -11.19 -8.63
N TYR B 276 6.40 -10.62 -9.19
CA TYR B 276 7.64 -11.37 -9.46
C TYR B 276 8.70 -11.30 -8.33
N GLY B 277 8.23 -10.97 -7.13
CA GLY B 277 9.00 -11.10 -5.91
C GLY B 277 9.84 -9.91 -5.49
N ALA B 278 9.63 -8.75 -6.10
CA ALA B 278 10.31 -7.54 -5.62
C ALA B 278 10.06 -7.30 -4.12
N LEU B 279 11.07 -6.85 -3.38
CA LEU B 279 10.85 -6.49 -1.97
C LEU B 279 9.92 -5.29 -1.80
N GLY B 280 9.96 -4.40 -2.79
CA GLY B 280 9.10 -3.23 -2.81
C GLY B 280 9.18 -2.65 -4.20
N ALA B 281 8.15 -1.93 -4.62
CA ALA B 281 8.21 -1.21 -5.87
C ALA B 281 7.35 0.02 -5.72
N LYS B 282 7.76 1.08 -6.40
CA LYS B 282 7.02 2.33 -6.32
C LYS B 282 7.39 3.24 -7.47
N LEU B 283 6.53 4.22 -7.77
CA LEU B 283 6.91 5.22 -8.76
C LEU B 283 8.13 5.97 -8.20
N SER B 284 8.97 6.51 -9.09
CA SER B 284 10.13 7.29 -8.64
C SER B 284 10.18 8.65 -9.33
N GLY B 285 10.00 9.70 -8.53
CA GLY B 285 10.05 11.08 -9.03
C GLY B 285 8.68 11.71 -9.23
N THR B 286 8.54 12.42 -10.34
CA THR B 286 7.38 13.27 -10.63
C THR B 286 6.08 12.47 -10.64
N GLY B 287 6.13 11.27 -11.22
CA GLY B 287 4.96 10.44 -11.38
C GLY B 287 4.26 10.71 -12.70
N ARG B 288 3.02 10.26 -12.79
CA ARG B 288 2.21 10.34 -14.02
C ARG B 288 3.01 10.03 -15.28
N GLY B 289 3.83 8.99 -15.21
CA GLY B 289 4.77 8.66 -16.30
C GLY B 289 6.15 8.50 -15.71
N GLY B 290 7.19 8.69 -16.53
CA GLY B 290 8.55 8.61 -16.02
C GLY B 290 8.94 7.20 -15.62
N ILE B 291 9.55 7.07 -14.44
CA ILE B 291 10.10 5.78 -14.02
C ILE B 291 9.50 5.24 -12.72
N ALA B 292 9.55 3.92 -12.59
CA ALA B 292 9.28 3.17 -11.36
C ALA B 292 10.56 2.47 -10.93
N VAL B 293 10.69 2.23 -9.63
CA VAL B 293 11.83 1.49 -9.10
C VAL B 293 11.37 0.30 -8.26
N ALA B 294 12.00 -0.84 -8.48
CA ALA B 294 11.73 -2.03 -7.70
C ALA B 294 13.01 -2.47 -6.99
N LEU B 295 12.89 -2.75 -5.69
CA LEU B 295 13.96 -3.34 -4.91
C LEU B 295 13.92 -4.88 -4.97
N ALA B 296 15.01 -5.49 -5.42
CA ALA B 296 15.12 -6.94 -5.39
C ALA B 296 16.04 -7.39 -4.25
N ALA B 297 15.82 -8.62 -3.75
CA ALA B 297 16.64 -9.22 -2.70
C ALA B 297 18.02 -9.68 -3.17
N SER B 298 18.19 -9.82 -4.49
CA SER B 298 19.48 -10.27 -5.03
C SER B 298 19.62 -10.00 -6.54
N SER B 299 20.85 -10.10 -7.04
CA SER B 299 21.07 -10.00 -8.47
C SER B 299 20.12 -10.96 -9.20
N ASP B 300 20.05 -12.17 -8.68
CA ASP B 300 19.27 -13.25 -9.28
C ASP B 300 17.75 -13.05 -9.17
N GLN B 301 17.27 -12.53 -8.03
CA GLN B 301 15.84 -12.24 -7.90
C GLN B 301 15.42 -11.08 -8.80
N ARG B 302 16.40 -10.31 -9.25
CA ARG B 302 16.20 -9.25 -10.22
C ARG B 302 15.93 -9.86 -11.60
N ASP B 303 16.66 -10.93 -11.93
CA ASP B 303 16.51 -11.62 -13.22
C ASP B 303 15.07 -12.03 -13.47
N ALA B 304 14.39 -12.50 -12.43
CA ALA B 304 13.01 -12.97 -12.54
C ALA B 304 12.04 -11.79 -12.66
N ILE B 305 12.38 -10.69 -12.01
CA ILE B 305 11.54 -9.48 -12.15
C ILE B 305 11.59 -8.98 -13.59
N VAL B 306 12.80 -8.86 -14.14
CA VAL B 306 12.95 -8.42 -15.53
C VAL B 306 12.21 -9.36 -16.47
N LYS B 307 12.45 -10.66 -16.30
CA LYS B 307 11.73 -11.69 -17.04
C LYS B 307 10.22 -11.53 -16.97
N GLY B 308 9.68 -11.36 -15.75
CA GLY B 308 8.25 -11.17 -15.56
C GLY B 308 7.69 -9.92 -16.23
N LEU B 309 8.37 -8.80 -16.08
CA LEU B 309 7.96 -7.54 -16.74
C LEU B 309 7.89 -7.63 -18.26
N LYS B 310 8.92 -8.23 -18.86
CA LYS B 310 8.98 -8.45 -20.31
C LYS B 310 7.86 -9.36 -20.77
N ALA B 311 7.57 -10.40 -20.00
CA ALA B 311 6.52 -11.34 -20.36
C ALA B 311 5.10 -10.78 -20.13
N LYS B 312 4.91 -10.09 -19.01
CA LYS B 312 3.56 -9.80 -18.51
C LYS B 312 3.14 -8.34 -18.49
N CYS B 313 4.10 -7.43 -18.66
CA CYS B 313 3.84 -6.00 -18.48
C CYS B 313 4.26 -5.21 -19.71
N PRO B 314 3.33 -5.08 -20.64
CA PRO B 314 3.56 -4.31 -21.86
C PRO B 314 3.82 -2.82 -21.57
N GLU B 315 3.34 -2.34 -20.43
CA GLU B 315 3.59 -0.97 -19.95
C GLU B 315 5.05 -0.72 -19.56
N ALA B 316 5.83 -1.79 -19.41
CA ALA B 316 7.26 -1.64 -19.10
C ALA B 316 8.09 -1.49 -20.36
N LYS B 317 8.11 -0.27 -20.89
CA LYS B 317 8.76 0.04 -22.18
C LYS B 317 10.30 -0.06 -22.19
N PHE B 318 10.91 0.34 -21.07
CA PHE B 318 12.36 0.25 -20.93
C PHE B 318 12.64 -0.34 -19.55
N ILE B 319 13.57 -1.28 -19.47
CA ILE B 319 13.85 -2.01 -18.21
C ILE B 319 15.35 -2.05 -18.01
N TRP B 320 15.80 -1.50 -16.89
CA TRP B 320 17.22 -1.38 -16.62
C TRP B 320 17.56 -2.04 -15.30
N ARG B 321 18.75 -2.63 -15.24
CA ARG B 321 19.24 -3.24 -14.01
C ARG B 321 20.26 -2.24 -13.45
N TYR B 322 19.90 -1.59 -12.35
CA TYR B 322 20.78 -0.60 -11.73
C TYR B 322 21.08 -0.96 -10.27
N THR B 323 22.20 -0.49 -9.74
CA THR B 323 22.61 -0.85 -8.38
C THR B 323 23.09 0.34 -7.59
N VAL B 324 22.92 0.26 -6.28
CA VAL B 324 23.46 1.25 -5.36
C VAL B 324 24.56 0.59 -4.52
N GLN B 325 25.78 1.09 -4.68
CA GLN B 325 26.95 0.50 -4.03
C GLN B 325 26.94 0.73 -2.52
N PRO B 326 27.32 -0.27 -1.73
CA PRO B 326 27.50 -0.09 -0.28
C PRO B 326 28.54 1.01 -0.02
N SER B 327 28.28 1.87 0.95
CA SER B 327 29.04 3.10 1.10
C SER B 327 29.17 3.58 2.55
N ALA B 328 30.40 3.84 2.98
CA ALA B 328 30.68 4.38 4.32
C ALA B 328 30.40 5.89 4.36
N ALA B 329 29.20 6.28 3.93
CA ALA B 329 28.78 7.69 3.80
C ALA B 329 29.41 8.38 2.58
#